data_2PAA
#
_entry.id   2PAA
#
_cell.length_a   39.854
_cell.length_b   64.541
_cell.length_c   75.936
_cell.angle_alpha   90.340
_cell.angle_beta   77.200
_cell.angle_gamma   85.030
#
_symmetry.space_group_name_H-M   'P 1'
#
loop_
_entity.id
_entity.type
_entity.pdbx_description
1 polymer 'Phosphoglycerate kinase, testis specific'
2 non-polymer "ADENOSINE-5'-TRIPHOSPHATE"
3 non-polymer '3-PHOSPHOGLYCERIC ACID'
4 water water
#
_entity_poly.entity_id   1
_entity_poly.type   'polypeptide(L)'
_entity_poly.pdbx_seq_one_letter_code
;ALSAKLTLDKVDLKGKRVIMRVDFNVPMKNNQITNNQRIKAAIPSIKHCLDNGAKSVVLMSHLGRPDGIPMPDKYSLEPV
ADELKSLLNKDVIFLKDCVGPEVEQACANPDNGSIILLENLRFHVEEEGKGKDSSGKKISADPAKVEAFRASLSKLGDVY
VNDAFGTAHRAHSSMVGVNLPQKASGFLMKKELDYFSKALEKPERPFLAILGGAKVKDKIQLIKNMLDKVNFMIIGGGMA
YTFLKELKNMQIGASLFDEEGATIVKEIMEKAEKNGVKIVFPVDFVTGDKFDENAKVGQATIESGIPSGWMGLDCGPESI
KINAQIVAQAKLIVWNGPIGVFEWDAFAKGTKALMDEVVKATSNGCVTIIGGGDTATCCAKWGTEDKVSHVSTGGGASLE
LLEGKILPGVEALSNM
;
_entity_poly.pdbx_strand_id   A,B
#
loop_
_chem_comp.id
_chem_comp.type
_chem_comp.name
_chem_comp.formula
3PG non-polymer '3-PHOSPHOGLYCERIC ACID' 'C3 H7 O7 P'
ATP non-polymer ADENOSINE-5'-TRIPHOSPHATE 'C10 H16 N5 O13 P3'
#
# COMPACT_ATOMS: atom_id res chain seq x y z
N ALA A 4 -7.16 5.74 -7.99
CA ALA A 4 -7.63 6.78 -7.01
C ALA A 4 -8.82 6.32 -6.14
N LYS A 5 -9.29 5.10 -6.32
CA LYS A 5 -10.41 4.59 -5.54
C LYS A 5 -9.94 3.73 -4.38
N LEU A 6 -10.75 3.68 -3.33
CA LEU A 6 -10.43 2.90 -2.15
C LEU A 6 -10.18 1.43 -2.54
N THR A 7 -9.25 0.77 -1.85
CA THR A 7 -8.95 -0.62 -2.12
C THR A 7 -9.11 -1.47 -0.87
N LEU A 8 -9.29 -2.77 -1.06
CA LEU A 8 -9.47 -3.71 0.02
C LEU A 8 -8.45 -3.56 1.14
N ASP A 9 -7.17 -3.63 0.82
CA ASP A 9 -6.15 -3.54 1.87
C ASP A 9 -5.97 -2.17 2.54
N LYS A 10 -6.88 -1.24 2.26
CA LYS A 10 -6.80 0.07 2.90
C LYS A 10 -8.02 0.32 3.78
N VAL A 11 -8.82 -0.73 3.97
CA VAL A 11 -10.02 -0.65 4.80
C VAL A 11 -9.81 -1.54 6.04
N ASP A 12 -10.37 -1.14 7.17
CA ASP A 12 -10.23 -1.96 8.38
C ASP A 12 -11.45 -2.86 8.45
N LEU A 13 -11.25 -4.12 8.14
CA LEU A 13 -12.34 -5.10 8.13
C LEU A 13 -12.40 -5.88 9.44
N LYS A 14 -11.91 -5.25 10.50
CA LYS A 14 -11.89 -5.88 11.82
C LYS A 14 -13.30 -5.94 12.41
N GLY A 15 -13.80 -7.16 12.57
CA GLY A 15 -15.13 -7.36 13.12
C GLY A 15 -16.29 -6.90 12.24
N LYS A 16 -16.08 -6.81 10.93
CA LYS A 16 -17.13 -6.37 10.03
C LYS A 16 -17.58 -7.43 9.05
N ARG A 17 -18.84 -7.31 8.62
CA ARG A 17 -19.36 -8.25 7.64
C ARG A 17 -19.01 -7.66 6.28
N VAL A 18 -18.62 -8.51 5.35
CA VAL A 18 -18.24 -8.04 4.03
C VAL A 18 -19.12 -8.62 2.93
N ILE A 19 -19.78 -7.73 2.21
CA ILE A 19 -20.61 -8.15 1.10
C ILE A 19 -19.66 -7.97 -0.06
N MET A 20 -19.30 -9.05 -0.72
CA MET A 20 -18.36 -8.97 -1.83
C MET A 20 -18.96 -9.44 -3.13
N ARG A 21 -18.90 -8.60 -4.17
CA ARG A 21 -19.43 -8.96 -5.49
C ARG A 21 -18.25 -9.55 -6.27
N VAL A 22 -18.36 -10.81 -6.65
CA VAL A 22 -17.26 -11.47 -7.35
C VAL A 22 -17.65 -12.16 -8.65
N ASP A 23 -16.65 -12.55 -9.43
CA ASP A 23 -16.90 -13.21 -10.70
C ASP A 23 -16.87 -14.71 -10.55
N PHE A 24 -18.03 -15.35 -10.68
CA PHE A 24 -18.15 -16.80 -10.60
C PHE A 24 -18.87 -17.32 -11.85
N ASN A 25 -18.96 -16.51 -12.89
CA ASN A 25 -19.65 -16.97 -14.10
C ASN A 25 -18.78 -17.96 -14.88
N VAL A 26 -18.64 -19.15 -14.32
CA VAL A 26 -17.79 -20.20 -14.90
C VAL A 26 -18.49 -21.11 -15.90
N PRO A 27 -17.76 -21.56 -16.95
CA PRO A 27 -18.44 -22.44 -17.90
C PRO A 27 -18.87 -23.69 -17.14
N MET A 28 -20.15 -24.02 -17.24
CA MET A 28 -20.69 -25.16 -16.52
C MET A 28 -21.81 -25.83 -17.27
N LYS A 29 -21.65 -27.13 -17.51
CA LYS A 29 -22.64 -27.94 -18.21
C LYS A 29 -23.13 -28.99 -17.22
N ASN A 30 -24.44 -29.00 -16.97
CA ASN A 30 -25.06 -29.93 -16.03
C ASN A 30 -24.53 -29.82 -14.61
N ASN A 31 -24.36 -28.62 -14.12
CA ASN A 31 -23.87 -28.39 -12.77
C ASN A 31 -22.53 -29.06 -12.55
N GLN A 32 -21.66 -28.99 -13.56
CA GLN A 32 -20.34 -29.62 -13.47
C GLN A 32 -19.16 -28.66 -13.26
N ILE A 33 -19.18 -27.54 -13.97
CA ILE A 33 -18.08 -26.57 -13.88
C ILE A 33 -16.88 -27.15 -14.60
N THR A 34 -16.66 -26.69 -15.82
CA THR A 34 -15.57 -27.19 -16.63
C THR A 34 -14.29 -26.32 -16.58
N ASN A 35 -14.26 -25.38 -15.64
CA ASN A 35 -13.09 -24.53 -15.45
C ASN A 35 -13.33 -23.65 -14.23
N ASN A 36 -12.75 -24.06 -13.12
CA ASN A 36 -12.88 -23.37 -11.84
C ASN A 36 -11.96 -22.17 -11.73
N GLN A 37 -11.27 -21.87 -12.81
CA GLN A 37 -10.33 -20.75 -12.84
C GLN A 37 -10.86 -19.47 -12.19
N ARG A 38 -12.02 -19.00 -12.65
CA ARG A 38 -12.58 -17.78 -12.10
C ARG A 38 -12.86 -17.84 -10.61
N ILE A 39 -13.04 -19.05 -10.09
CA ILE A 39 -13.30 -19.23 -8.67
C ILE A 39 -11.99 -19.15 -7.92
N LYS A 40 -10.94 -19.69 -8.51
CA LYS A 40 -9.63 -19.65 -7.87
C LYS A 40 -9.30 -18.18 -7.69
N ALA A 41 -9.43 -17.45 -8.79
CA ALA A 41 -9.12 -16.03 -8.84
C ALA A 41 -9.64 -15.13 -7.71
N ALA A 42 -10.82 -15.44 -7.18
CA ALA A 42 -11.38 -14.60 -6.13
C ALA A 42 -10.87 -14.90 -4.75
N ILE A 43 -10.20 -16.04 -4.59
CA ILE A 43 -9.71 -16.44 -3.29
C ILE A 43 -8.80 -15.45 -2.54
N PRO A 44 -7.87 -14.79 -3.23
CA PRO A 44 -7.04 -13.84 -2.49
C PRO A 44 -7.86 -12.79 -1.73
N SER A 45 -8.84 -12.18 -2.39
CA SER A 45 -9.70 -11.19 -1.73
C SER A 45 -10.47 -11.78 -0.54
N ILE A 46 -11.13 -12.93 -0.74
CA ILE A 46 -11.85 -13.55 0.35
C ILE A 46 -10.90 -13.92 1.49
N LYS A 47 -9.77 -14.52 1.15
CA LYS A 47 -8.79 -14.90 2.14
C LYS A 47 -8.35 -13.70 2.93
N HIS A 48 -7.98 -12.63 2.24
CA HIS A 48 -7.54 -11.42 2.91
C HIS A 48 -8.55 -10.92 3.94
N CYS A 49 -9.85 -11.10 3.65
CA CYS A 49 -10.86 -10.64 4.59
C CYS A 49 -10.86 -11.50 5.85
N LEU A 50 -10.84 -12.81 5.69
CA LEU A 50 -10.83 -13.69 6.85
C LEU A 50 -9.58 -13.43 7.66
N ASP A 51 -8.43 -13.44 6.98
CA ASP A 51 -7.15 -13.22 7.65
C ASP A 51 -7.03 -11.84 8.26
N ASN A 52 -7.90 -10.91 7.89
CA ASN A 52 -7.83 -9.59 8.47
C ASN A 52 -8.96 -9.26 9.44
N GLY A 53 -9.55 -10.31 10.02
CA GLY A 53 -10.59 -10.13 11.01
C GLY A 53 -12.03 -9.95 10.60
N ALA A 54 -12.36 -10.26 9.36
CA ALA A 54 -13.73 -10.09 8.93
C ALA A 54 -14.61 -11.00 9.74
N LYS A 55 -15.74 -10.46 10.21
CA LYS A 55 -16.69 -11.27 10.98
C LYS A 55 -17.22 -12.33 10.03
N SER A 56 -17.45 -11.92 8.78
CA SER A 56 -17.96 -12.83 7.76
C SER A 56 -17.74 -12.21 6.40
N VAL A 57 -17.94 -13.02 5.36
CA VAL A 57 -17.79 -12.57 3.98
C VAL A 57 -18.97 -13.13 3.23
N VAL A 58 -19.79 -12.26 2.66
CA VAL A 58 -20.97 -12.67 1.90
C VAL A 58 -20.64 -12.46 0.43
N LEU A 59 -20.68 -13.54 -0.34
CA LEU A 59 -20.40 -13.47 -1.75
C LEU A 59 -21.64 -13.46 -2.63
N MET A 60 -21.68 -12.53 -3.59
CA MET A 60 -22.80 -12.47 -4.54
C MET A 60 -22.21 -12.46 -5.94
N SER A 61 -22.91 -13.08 -6.89
CA SER A 61 -22.41 -13.15 -8.25
C SER A 61 -23.55 -13.61 -9.16
N HIS A 62 -23.24 -13.98 -10.39
CA HIS A 62 -24.23 -14.48 -11.35
C HIS A 62 -23.55 -15.54 -12.21
N LEU A 63 -24.35 -16.29 -12.95
CA LEU A 63 -23.82 -17.35 -13.79
C LEU A 63 -24.80 -17.74 -14.89
N GLY A 64 -24.46 -17.43 -16.13
CA GLY A 64 -25.34 -17.80 -17.23
C GLY A 64 -26.32 -16.72 -17.61
N ARG A 65 -27.33 -17.09 -18.39
CA ARG A 65 -28.32 -16.12 -18.83
C ARG A 65 -29.72 -16.48 -18.36
N PRO A 66 -30.04 -16.25 -17.07
CA PRO A 66 -31.37 -16.57 -16.56
C PRO A 66 -32.31 -15.40 -16.82
N ASP A 67 -31.72 -14.26 -17.17
CA ASP A 67 -32.45 -13.05 -17.50
C ASP A 67 -33.61 -12.66 -16.60
N GLY A 68 -33.40 -12.62 -15.29
CA GLY A 68 -34.45 -12.22 -14.38
C GLY A 68 -35.50 -13.25 -14.02
N ILE A 69 -35.16 -14.53 -14.14
CA ILE A 69 -36.06 -15.62 -13.79
C ILE A 69 -35.26 -16.63 -12.98
N PRO A 70 -35.74 -16.99 -11.79
CA PRO A 70 -34.96 -17.96 -11.05
C PRO A 70 -34.93 -19.27 -11.84
N MET A 71 -33.73 -19.81 -12.01
CA MET A 71 -33.57 -21.05 -12.76
C MET A 71 -32.53 -21.93 -12.06
N PRO A 72 -32.83 -22.34 -10.82
CA PRO A 72 -31.94 -23.19 -10.03
C PRO A 72 -31.46 -24.46 -10.70
N ASP A 73 -32.19 -24.94 -11.70
CA ASP A 73 -31.81 -26.16 -12.39
C ASP A 73 -30.68 -26.10 -13.41
N LYS A 74 -30.30 -24.90 -13.85
CA LYS A 74 -29.22 -24.83 -14.82
C LYS A 74 -28.27 -23.67 -14.62
N TYR A 75 -28.67 -22.71 -13.79
CA TYR A 75 -27.82 -21.55 -13.54
C TYR A 75 -27.62 -21.30 -12.06
N SER A 76 -27.79 -22.33 -11.23
CA SER A 76 -27.59 -22.17 -9.80
C SER A 76 -26.10 -22.00 -9.53
N LEU A 77 -25.77 -21.31 -8.43
CA LEU A 77 -24.38 -21.11 -8.06
C LEU A 77 -23.98 -22.20 -7.09
N GLU A 78 -24.94 -23.00 -6.66
CA GLU A 78 -24.65 -24.07 -5.70
C GLU A 78 -23.40 -24.92 -6.05
N PRO A 79 -23.30 -25.41 -7.30
CA PRO A 79 -22.12 -26.21 -7.66
C PRO A 79 -20.82 -25.43 -7.45
N VAL A 80 -20.93 -24.11 -7.52
CA VAL A 80 -19.78 -23.24 -7.34
C VAL A 80 -19.50 -23.12 -5.84
N ALA A 81 -20.56 -23.09 -5.04
CA ALA A 81 -20.42 -22.95 -3.59
C ALA A 81 -19.61 -24.07 -2.94
N ASP A 82 -19.78 -25.30 -3.40
CA ASP A 82 -19.04 -26.38 -2.78
C ASP A 82 -17.74 -26.64 -3.51
N GLU A 83 -17.57 -25.99 -4.64
CA GLU A 83 -16.32 -26.11 -5.39
C GLU A 83 -15.35 -25.14 -4.71
N LEU A 84 -15.94 -24.13 -4.10
CA LEU A 84 -15.20 -23.11 -3.37
C LEU A 84 -14.73 -23.72 -2.03
N LYS A 85 -15.54 -24.60 -1.45
CA LYS A 85 -15.20 -25.28 -0.19
C LYS A 85 -13.93 -26.12 -0.42
N SER A 86 -13.93 -26.84 -1.53
CA SER A 86 -12.79 -27.67 -1.88
C SER A 86 -11.53 -26.82 -1.96
N LEU A 87 -11.58 -25.80 -2.80
CA LEU A 87 -10.46 -24.90 -3.01
C LEU A 87 -9.99 -24.15 -1.75
N LEU A 88 -10.92 -23.87 -0.84
CA LEU A 88 -10.60 -23.14 0.39
C LEU A 88 -10.33 -24.04 1.58
N ASN A 89 -10.67 -25.32 1.44
CA ASN A 89 -10.52 -26.25 2.55
C ASN A 89 -11.29 -25.65 3.72
N LYS A 90 -12.48 -25.15 3.39
CA LYS A 90 -13.37 -24.54 4.38
C LYS A 90 -14.80 -24.61 3.84
N ASP A 91 -15.74 -24.94 4.72
CA ASP A 91 -17.15 -25.08 4.34
C ASP A 91 -17.80 -23.75 3.98
N VAL A 92 -18.70 -23.77 3.00
CA VAL A 92 -19.40 -22.54 2.63
C VAL A 92 -20.92 -22.72 2.81
N ILE A 93 -21.60 -21.66 3.23
CA ILE A 93 -23.03 -21.73 3.45
C ILE A 93 -23.75 -21.17 2.22
N PHE A 94 -24.44 -22.03 1.48
CA PHE A 94 -25.15 -21.59 0.28
C PHE A 94 -26.58 -21.16 0.62
N LEU A 95 -26.96 -19.95 0.21
CA LEU A 95 -28.33 -19.49 0.44
C LEU A 95 -29.09 -19.65 -0.87
N LYS A 96 -30.33 -20.18 -0.79
CA LYS A 96 -31.14 -20.42 -1.99
C LYS A 96 -31.60 -19.18 -2.76
N ASP A 97 -31.37 -18.01 -2.16
CA ASP A 97 -31.75 -16.74 -2.78
C ASP A 97 -30.68 -15.68 -2.45
N CYS A 98 -30.82 -14.47 -3.00
CA CYS A 98 -29.84 -13.42 -2.74
C CYS A 98 -30.45 -12.24 -1.97
N VAL A 99 -31.76 -12.29 -1.75
CA VAL A 99 -32.44 -11.23 -1.02
C VAL A 99 -33.62 -11.83 -0.25
N GLY A 100 -34.24 -11.04 0.60
CA GLY A 100 -35.37 -11.53 1.38
C GLY A 100 -35.06 -11.69 2.86
N PRO A 101 -36.08 -11.96 3.70
CA PRO A 101 -35.93 -12.13 5.15
C PRO A 101 -34.93 -13.20 5.58
N GLU A 102 -35.04 -14.38 4.98
CA GLU A 102 -34.11 -15.47 5.31
C GLU A 102 -32.67 -15.06 5.03
N VAL A 103 -32.45 -14.48 3.85
CA VAL A 103 -31.11 -14.05 3.46
C VAL A 103 -30.56 -12.99 4.42
N GLU A 104 -31.43 -12.17 4.99
CA GLU A 104 -31.00 -11.12 5.91
C GLU A 104 -30.63 -11.66 7.28
N GLN A 105 -31.41 -12.61 7.79
CA GLN A 105 -31.13 -13.20 9.10
C GLN A 105 -29.83 -14.03 9.03
N ALA A 106 -29.72 -14.83 7.97
CA ALA A 106 -28.55 -15.66 7.79
C ALA A 106 -27.26 -14.84 7.77
N CYS A 107 -27.33 -13.61 7.28
CA CYS A 107 -26.16 -12.73 7.20
C CYS A 107 -26.19 -11.61 8.23
N ALA A 108 -27.22 -11.60 9.07
CA ALA A 108 -27.32 -10.56 10.09
C ALA A 108 -26.04 -10.51 10.92
N ASN A 109 -25.78 -11.57 11.67
CA ASN A 109 -24.58 -11.63 12.50
C ASN A 109 -24.09 -13.06 12.49
N PRO A 110 -23.44 -13.47 11.40
CA PRO A 110 -22.90 -14.82 11.25
C PRO A 110 -21.78 -15.13 12.25
N ASP A 111 -21.49 -16.42 12.43
CA ASP A 111 -20.42 -16.83 13.31
C ASP A 111 -19.14 -16.28 12.69
N ASN A 112 -18.10 -16.09 13.49
CA ASN A 112 -16.86 -15.56 12.92
C ASN A 112 -16.19 -16.41 11.88
N GLY A 113 -15.78 -15.74 10.80
CA GLY A 113 -15.08 -16.41 9.72
C GLY A 113 -15.94 -17.18 8.75
N SER A 114 -17.26 -17.15 8.91
CA SER A 114 -18.14 -17.87 7.99
C SER A 114 -18.15 -17.21 6.60
N ILE A 115 -18.28 -18.05 5.59
CA ILE A 115 -18.31 -17.65 4.20
C ILE A 115 -19.68 -17.99 3.64
N ILE A 116 -20.40 -16.99 3.16
CA ILE A 116 -21.75 -17.21 2.62
C ILE A 116 -21.85 -16.82 1.15
N LEU A 117 -22.50 -17.66 0.36
CA LEU A 117 -22.67 -17.39 -1.06
C LEU A 117 -24.16 -17.37 -1.41
N LEU A 118 -24.63 -16.23 -1.91
CA LEU A 118 -26.03 -16.10 -2.28
C LEU A 118 -26.31 -16.75 -3.63
N GLU A 119 -27.58 -17.03 -3.89
CA GLU A 119 -27.98 -17.65 -5.15
C GLU A 119 -27.72 -16.65 -6.28
N ASN A 120 -27.74 -17.14 -7.51
CA ASN A 120 -27.52 -16.32 -8.69
C ASN A 120 -28.30 -14.98 -8.65
N LEU A 121 -27.57 -13.87 -8.61
CA LEU A 121 -28.20 -12.54 -8.56
C LEU A 121 -29.14 -12.27 -9.73
N ARG A 122 -28.81 -12.81 -10.90
CA ARG A 122 -29.62 -12.56 -12.07
C ARG A 122 -30.94 -13.32 -12.13
N PHE A 123 -31.25 -14.00 -11.04
CA PHE A 123 -32.52 -14.72 -10.93
C PHE A 123 -33.53 -13.62 -10.60
N HIS A 124 -33.04 -12.38 -10.48
CA HIS A 124 -33.91 -11.25 -10.19
C HIS A 124 -33.75 -10.22 -11.28
N VAL A 125 -34.88 -9.78 -11.82
CA VAL A 125 -34.86 -8.79 -12.89
C VAL A 125 -34.33 -7.45 -12.35
N GLU A 126 -34.41 -7.27 -11.03
CA GLU A 126 -33.94 -6.03 -10.40
C GLU A 126 -32.41 -5.86 -10.47
N GLU A 127 -31.68 -6.97 -10.50
CA GLU A 127 -30.23 -6.92 -10.58
C GLU A 127 -29.74 -6.21 -11.85
N GLU A 128 -30.11 -6.75 -13.00
CA GLU A 128 -29.71 -6.14 -14.28
C GLU A 128 -30.57 -4.94 -14.62
N GLY A 129 -31.77 -4.90 -14.05
CA GLY A 129 -32.67 -3.79 -14.33
C GLY A 129 -33.51 -4.05 -15.57
N LYS A 130 -33.38 -5.25 -16.13
CA LYS A 130 -34.10 -5.64 -17.32
C LYS A 130 -34.16 -7.17 -17.37
N GLY A 131 -34.98 -7.72 -18.27
CA GLY A 131 -35.08 -9.16 -18.37
C GLY A 131 -35.91 -9.71 -19.52
N LYS A 132 -36.36 -10.95 -19.32
CA LYS A 132 -37.16 -11.66 -20.30
C LYS A 132 -38.08 -12.60 -19.52
N ASP A 133 -39.35 -12.62 -19.90
CA ASP A 133 -40.33 -13.47 -19.24
C ASP A 133 -40.33 -14.89 -19.82
N SER A 134 -41.39 -15.66 -19.55
CA SER A 134 -41.49 -17.04 -20.00
C SER A 134 -41.49 -17.26 -21.51
N SER A 135 -41.58 -16.19 -22.28
CA SER A 135 -41.58 -16.32 -23.74
C SER A 135 -40.46 -15.54 -24.41
N GLY A 136 -39.37 -15.31 -23.68
CA GLY A 136 -38.24 -14.61 -24.26
C GLY A 136 -38.39 -13.13 -24.53
N LYS A 137 -39.58 -12.58 -24.29
CA LYS A 137 -39.82 -11.15 -24.50
C LYS A 137 -39.19 -10.28 -23.41
N LYS A 138 -38.61 -9.16 -23.82
CA LYS A 138 -37.96 -8.26 -22.90
C LYS A 138 -38.93 -7.63 -21.92
N ILE A 139 -38.57 -7.63 -20.65
CA ILE A 139 -39.38 -7.02 -19.60
C ILE A 139 -38.49 -6.02 -18.86
N SER A 140 -39.11 -5.10 -18.14
CA SER A 140 -38.39 -4.07 -17.41
C SER A 140 -38.62 -4.11 -15.91
N ALA A 141 -37.57 -3.93 -15.15
CA ALA A 141 -37.68 -3.94 -13.70
C ALA A 141 -38.37 -2.66 -13.24
N ASP A 142 -39.13 -2.73 -12.15
CA ASP A 142 -39.78 -1.54 -11.62
C ASP A 142 -38.78 -0.77 -10.77
N PRO A 143 -38.49 0.47 -11.18
CA PRO A 143 -37.53 1.28 -10.43
C PRO A 143 -37.74 1.28 -8.92
N ALA A 144 -38.95 0.97 -8.47
CA ALA A 144 -39.24 0.97 -7.04
C ALA A 144 -38.88 -0.36 -6.40
N LYS A 145 -39.01 -1.44 -7.16
CA LYS A 145 -38.65 -2.75 -6.64
C LYS A 145 -37.12 -2.89 -6.69
N VAL A 146 -36.52 -2.21 -7.66
CA VAL A 146 -35.08 -2.24 -7.83
C VAL A 146 -34.42 -1.69 -6.58
N GLU A 147 -34.94 -0.57 -6.08
CA GLU A 147 -34.40 0.06 -4.90
C GLU A 147 -34.71 -0.72 -3.61
N ALA A 148 -35.72 -1.57 -3.64
CA ALA A 148 -36.09 -2.37 -2.48
C ALA A 148 -35.11 -3.55 -2.44
N PHE A 149 -34.72 -4.01 -3.63
CA PHE A 149 -33.77 -5.10 -3.81
C PHE A 149 -32.41 -4.61 -3.30
N ARG A 150 -32.02 -3.40 -3.71
CA ARG A 150 -30.74 -2.84 -3.30
C ARG A 150 -30.65 -2.54 -1.83
N ALA A 151 -31.79 -2.24 -1.21
CA ALA A 151 -31.82 -1.94 0.21
C ALA A 151 -31.62 -3.24 0.99
N SER A 152 -32.05 -4.35 0.39
CA SER A 152 -31.90 -5.67 0.99
C SER A 152 -30.44 -6.11 0.96
N LEU A 153 -29.82 -5.99 -0.22
CA LEU A 153 -28.41 -6.36 -0.40
C LEU A 153 -27.48 -5.58 0.53
N SER A 154 -27.77 -4.30 0.71
CA SER A 154 -26.93 -3.49 1.57
C SER A 154 -26.93 -3.97 3.03
N LYS A 155 -28.07 -4.42 3.52
CA LYS A 155 -28.13 -4.87 4.90
C LYS A 155 -27.16 -6.02 5.17
N LEU A 156 -27.00 -6.89 4.18
CA LEU A 156 -26.14 -8.07 4.30
C LEU A 156 -24.68 -7.83 4.65
N GLY A 157 -24.24 -6.58 4.70
CA GLY A 157 -22.85 -6.33 5.03
C GLY A 157 -22.60 -4.97 5.65
N ASP A 158 -21.40 -4.75 6.16
CA ASP A 158 -21.05 -3.47 6.78
C ASP A 158 -20.05 -2.73 5.90
N VAL A 159 -19.41 -3.48 5.01
CA VAL A 159 -18.41 -2.97 4.10
C VAL A 159 -18.67 -3.66 2.76
N TYR A 160 -18.62 -2.91 1.67
CA TYR A 160 -18.86 -3.50 0.35
C TYR A 160 -17.57 -3.60 -0.45
N VAL A 161 -17.36 -4.76 -1.06
CA VAL A 161 -16.17 -4.95 -1.86
C VAL A 161 -16.58 -5.46 -3.25
N ASN A 162 -16.08 -4.80 -4.27
CA ASN A 162 -16.37 -5.16 -5.64
C ASN A 162 -15.10 -5.73 -6.22
N ASP A 163 -15.13 -7.02 -6.52
CA ASP A 163 -13.97 -7.66 -7.09
C ASP A 163 -14.48 -8.41 -8.29
N ALA A 164 -15.29 -7.69 -9.09
CA ALA A 164 -15.91 -8.23 -10.28
C ALA A 164 -15.85 -7.21 -11.42
N PHE A 165 -14.65 -6.92 -11.88
CA PHE A 165 -14.43 -5.97 -12.97
C PHE A 165 -15.25 -6.24 -14.21
N GLY A 166 -15.41 -7.52 -14.57
CA GLY A 166 -16.15 -7.89 -15.76
C GLY A 166 -17.57 -7.38 -15.95
N THR A 167 -18.19 -6.82 -14.91
CA THR A 167 -19.54 -6.29 -15.04
C THR A 167 -19.64 -4.90 -14.45
N ALA A 168 -18.49 -4.23 -14.35
CA ALA A 168 -18.38 -2.89 -13.80
C ALA A 168 -18.67 -1.84 -14.86
N HIS A 169 -18.91 -2.29 -16.10
CA HIS A 169 -19.25 -1.38 -17.18
C HIS A 169 -20.79 -1.35 -17.29
N ARG A 170 -21.45 -2.09 -16.41
CA ARG A 170 -22.92 -2.15 -16.41
C ARG A 170 -23.42 -1.75 -15.01
N ALA A 171 -24.20 -0.68 -14.94
CA ALA A 171 -24.73 -0.18 -13.66
C ALA A 171 -25.85 -1.05 -13.06
N HIS A 172 -25.53 -2.31 -12.73
CA HIS A 172 -26.50 -3.22 -12.14
C HIS A 172 -26.57 -3.01 -10.64
N SER A 173 -27.57 -3.61 -10.00
CA SER A 173 -27.75 -3.43 -8.57
C SER A 173 -26.51 -3.76 -7.74
N SER A 174 -26.00 -4.98 -7.90
CA SER A 174 -24.81 -5.42 -7.18
C SER A 174 -23.63 -4.52 -7.47
N MET A 175 -23.63 -3.88 -8.63
CA MET A 175 -22.52 -3.03 -9.02
C MET A 175 -22.57 -1.57 -8.53
N VAL A 176 -23.73 -0.91 -8.62
CA VAL A 176 -23.84 0.48 -8.20
C VAL A 176 -24.86 0.72 -7.10
N GLY A 177 -25.54 -0.34 -6.69
CA GLY A 177 -26.59 -0.19 -5.69
C GLY A 177 -26.37 -0.49 -4.22
N VAL A 178 -25.24 -1.07 -3.84
CA VAL A 178 -25.00 -1.35 -2.42
C VAL A 178 -24.65 -0.07 -1.67
N ASN A 179 -25.53 0.37 -0.78
CA ASN A 179 -25.30 1.59 -0.03
C ASN A 179 -24.63 1.32 1.32
N LEU A 180 -23.32 1.46 1.36
CA LEU A 180 -22.54 1.28 2.58
C LEU A 180 -21.53 2.43 2.68
N PRO A 181 -21.02 2.72 3.88
CA PRO A 181 -20.07 3.83 3.97
C PRO A 181 -18.83 3.64 3.10
N GLN A 182 -18.28 2.44 3.13
CA GLN A 182 -17.09 2.11 2.34
C GLN A 182 -17.33 1.06 1.28
N LYS A 183 -17.16 1.45 0.02
CA LYS A 183 -17.30 0.54 -1.11
C LYS A 183 -15.91 0.49 -1.73
N ALA A 184 -15.27 -0.68 -1.69
CA ALA A 184 -13.91 -0.75 -2.23
C ALA A 184 -13.67 -1.81 -3.31
N SER A 185 -12.54 -1.68 -4.01
CA SER A 185 -12.14 -2.59 -5.08
C SER A 185 -11.43 -3.80 -4.50
N GLY A 186 -11.69 -4.98 -5.05
CA GLY A 186 -11.02 -6.18 -4.57
C GLY A 186 -9.62 -6.22 -5.13
N PHE A 187 -8.93 -7.35 -4.97
CA PHE A 187 -7.56 -7.45 -5.47
C PHE A 187 -7.49 -7.56 -7.01
N LEU A 188 -8.45 -8.26 -7.62
CA LEU A 188 -8.48 -8.40 -9.07
C LEU A 188 -8.86 -7.10 -9.74
N MET A 189 -9.94 -6.50 -9.23
CA MET A 189 -10.46 -5.24 -9.73
C MET A 189 -9.34 -4.20 -9.68
N LYS A 190 -8.72 -4.08 -8.51
CA LYS A 190 -7.62 -3.15 -8.26
C LYS A 190 -6.53 -3.28 -9.33
N LYS A 191 -6.21 -4.52 -9.69
CA LYS A 191 -5.20 -4.78 -10.69
C LYS A 191 -5.66 -4.29 -12.06
N GLU A 192 -6.93 -4.57 -12.38
CA GLU A 192 -7.48 -4.14 -13.67
C GLU A 192 -7.33 -2.64 -13.80
N LEU A 193 -7.68 -1.94 -12.73
CA LEU A 193 -7.61 -0.49 -12.72
C LEU A 193 -6.17 0.01 -12.75
N ASP A 194 -5.32 -0.58 -11.91
CA ASP A 194 -3.92 -0.17 -11.84
C ASP A 194 -3.27 -0.09 -13.21
N TYR A 195 -3.49 -1.12 -14.02
CA TYR A 195 -2.87 -1.14 -15.35
C TYR A 195 -3.56 -0.25 -16.41
N PHE A 196 -4.88 -0.30 -16.49
CA PHE A 196 -5.55 0.54 -17.48
C PHE A 196 -5.38 2.01 -17.16
N SER A 197 -5.08 2.30 -15.90
CA SER A 197 -4.82 3.66 -15.43
C SER A 197 -3.53 4.09 -16.11
N LYS A 198 -2.59 3.15 -16.22
CA LYS A 198 -1.30 3.43 -16.84
C LYS A 198 -1.45 3.77 -18.32
N ALA A 199 -2.18 2.92 -19.02
CA ALA A 199 -2.40 3.11 -20.44
C ALA A 199 -3.33 4.27 -20.74
N LEU A 200 -3.74 5.03 -19.72
CA LEU A 200 -4.63 6.16 -19.97
C LEU A 200 -4.24 7.48 -19.31
N GLU A 201 -3.86 7.43 -18.03
CA GLU A 201 -3.49 8.66 -17.33
C GLU A 201 -2.20 9.26 -17.86
N LYS A 202 -1.08 8.55 -17.76
CA LYS A 202 0.20 9.05 -18.25
C LYS A 202 1.02 7.85 -18.69
N PRO A 203 0.80 7.38 -19.92
CA PRO A 203 1.52 6.23 -20.45
C PRO A 203 3.02 6.38 -20.68
N GLU A 204 3.74 5.26 -20.53
CA GLU A 204 5.16 5.22 -20.77
C GLU A 204 5.27 5.19 -22.29
N ARG A 205 6.35 5.72 -22.85
CA ARG A 205 6.53 5.72 -24.30
C ARG A 205 7.87 5.12 -24.70
N PRO A 206 7.94 4.53 -25.89
CA PRO A 206 6.90 4.35 -26.91
C PRO A 206 5.72 3.50 -26.46
N PHE A 207 4.51 4.01 -26.70
CA PHE A 207 3.27 3.33 -26.37
C PHE A 207 2.66 2.78 -27.67
N LEU A 208 2.60 1.46 -27.78
CA LEU A 208 2.06 0.80 -28.95
C LEU A 208 0.67 0.22 -28.68
N ALA A 209 -0.26 0.47 -29.57
CA ALA A 209 -1.61 -0.07 -29.40
C ALA A 209 -1.88 -1.06 -30.51
N ILE A 210 -2.16 -2.30 -30.16
CA ILE A 210 -2.45 -3.27 -31.20
C ILE A 210 -3.93 -3.53 -31.15
N LEU A 211 -4.64 -3.15 -32.20
CA LEU A 211 -6.07 -3.36 -32.25
C LEU A 211 -6.44 -4.32 -33.36
N GLY A 212 -7.11 -5.41 -32.99
CA GLY A 212 -7.52 -6.41 -33.96
C GLY A 212 -9.02 -6.64 -33.89
N GLY A 213 -9.56 -7.43 -34.80
CA GLY A 213 -10.99 -7.68 -34.80
C GLY A 213 -11.59 -7.80 -36.19
N ALA A 214 -12.89 -8.13 -36.21
CA ALA A 214 -13.62 -8.31 -37.45
C ALA A 214 -14.13 -7.03 -38.11
N LYS A 215 -15.06 -6.34 -37.44
CA LYS A 215 -15.64 -5.11 -38.00
C LYS A 215 -15.03 -3.82 -37.49
N VAL A 216 -15.08 -2.79 -38.33
CA VAL A 216 -14.54 -1.48 -37.99
C VAL A 216 -15.55 -0.61 -37.26
N LYS A 217 -16.81 -0.64 -37.72
CA LYS A 217 -17.87 0.17 -37.13
C LYS A 217 -17.97 0.15 -35.61
N ASP A 218 -17.69 -0.98 -34.96
CA ASP A 218 -17.78 -0.99 -33.51
C ASP A 218 -16.44 -0.81 -32.78
N LYS A 219 -15.46 -0.22 -33.46
CA LYS A 219 -14.14 0.01 -32.84
C LYS A 219 -13.74 1.47 -32.99
N ILE A 220 -14.64 2.26 -33.56
CA ILE A 220 -14.38 3.68 -33.78
C ILE A 220 -13.96 4.38 -32.50
N GLN A 221 -14.71 4.18 -31.43
CA GLN A 221 -14.37 4.83 -30.17
C GLN A 221 -13.04 4.34 -29.65
N LEU A 222 -12.85 3.03 -29.64
CA LEU A 222 -11.60 2.47 -29.17
C LEU A 222 -10.43 2.95 -30.02
N ILE A 223 -10.60 2.94 -31.34
CA ILE A 223 -9.54 3.41 -32.20
C ILE A 223 -9.21 4.86 -31.90
N LYS A 224 -10.24 5.72 -31.89
CA LYS A 224 -10.05 7.14 -31.64
C LYS A 224 -9.42 7.50 -30.29
N ASN A 225 -9.92 6.90 -29.22
CA ASN A 225 -9.38 7.18 -27.89
C ASN A 225 -7.90 6.77 -27.81
N MET A 226 -7.54 5.67 -28.47
CA MET A 226 -6.16 5.21 -28.44
C MET A 226 -5.25 6.13 -29.25
N LEU A 227 -5.78 6.74 -30.32
CA LEU A 227 -4.99 7.64 -31.14
C LEU A 227 -4.62 8.92 -30.39
N ASP A 228 -5.34 9.23 -29.31
CA ASP A 228 -5.03 10.43 -28.55
C ASP A 228 -3.95 10.14 -27.51
N LYS A 229 -3.48 8.90 -27.43
CA LYS A 229 -2.48 8.54 -26.44
C LYS A 229 -1.21 7.83 -26.94
N VAL A 230 -1.38 6.94 -27.91
CA VAL A 230 -0.26 6.17 -28.45
C VAL A 230 0.71 6.87 -29.40
N ASN A 231 1.82 6.16 -29.63
CA ASN A 231 2.87 6.61 -30.54
C ASN A 231 2.69 5.88 -31.86
N PHE A 232 2.45 4.58 -31.75
CA PHE A 232 2.26 3.70 -32.90
C PHE A 232 0.96 2.93 -32.75
N MET A 233 0.44 2.37 -33.83
CA MET A 233 -0.80 1.60 -33.77
C MET A 233 -0.88 0.61 -34.92
N ILE A 234 -1.15 -0.66 -34.59
CA ILE A 234 -1.27 -1.67 -35.62
C ILE A 234 -2.74 -2.08 -35.67
N ILE A 235 -3.28 -2.23 -36.87
CA ILE A 235 -4.68 -2.65 -37.00
C ILE A 235 -4.74 -3.95 -37.79
N GLY A 236 -5.16 -5.02 -37.12
CA GLY A 236 -5.26 -6.31 -37.78
C GLY A 236 -6.64 -6.92 -37.68
N GLY A 237 -6.80 -8.13 -38.19
CA GLY A 237 -8.10 -8.75 -38.16
C GLY A 237 -8.93 -8.29 -39.34
N GLY A 238 -10.16 -8.77 -39.44
CA GLY A 238 -11.03 -8.40 -40.54
C GLY A 238 -11.13 -6.90 -40.82
N MET A 239 -10.98 -6.09 -39.78
CA MET A 239 -11.04 -4.63 -39.94
C MET A 239 -10.17 -4.16 -41.09
N ALA A 240 -8.92 -4.63 -41.07
CA ALA A 240 -7.91 -4.26 -42.05
C ALA A 240 -8.38 -4.16 -43.48
N TYR A 241 -9.14 -5.15 -43.92
CA TYR A 241 -9.60 -5.12 -45.29
C TYR A 241 -10.46 -3.88 -45.58
N THR A 242 -11.22 -3.39 -44.60
CA THR A 242 -12.01 -2.20 -44.83
C THR A 242 -11.06 -1.02 -45.07
N PHE A 243 -10.07 -0.85 -44.20
CA PHE A 243 -9.11 0.24 -44.38
C PHE A 243 -8.30 0.09 -45.69
N LEU A 244 -7.85 -1.11 -46.01
CA LEU A 244 -7.06 -1.34 -47.22
C LEU A 244 -7.81 -1.04 -48.50
N LYS A 245 -9.05 -1.52 -48.61
CA LYS A 245 -9.82 -1.28 -49.80
C LYS A 245 -10.00 0.22 -50.00
N GLU A 246 -10.19 0.92 -48.89
CA GLU A 246 -10.43 2.35 -48.88
C GLU A 246 -9.20 3.24 -49.00
N LEU A 247 -8.04 2.74 -48.59
CA LEU A 247 -6.80 3.54 -48.64
C LEU A 247 -5.75 3.05 -49.63
N LYS A 248 -5.85 1.79 -50.04
CA LYS A 248 -4.88 1.22 -50.97
C LYS A 248 -5.54 0.61 -52.20
N ASN A 249 -6.78 1.00 -52.47
CA ASN A 249 -7.53 0.46 -53.61
C ASN A 249 -7.23 -1.02 -53.85
N MET A 250 -7.17 -1.78 -52.77
CA MET A 250 -6.88 -3.21 -52.83
C MET A 250 -8.10 -4.07 -53.09
N GLN A 251 -7.99 -4.99 -54.03
CA GLN A 251 -9.09 -5.89 -54.35
C GLN A 251 -9.10 -6.86 -53.15
N ILE A 252 -10.09 -6.73 -52.28
CA ILE A 252 -10.15 -7.57 -51.08
C ILE A 252 -10.86 -8.90 -51.27
N GLY A 253 -11.26 -9.19 -52.51
CA GLY A 253 -11.96 -10.44 -52.80
C GLY A 253 -13.26 -10.54 -52.03
N ALA A 254 -13.46 -11.69 -51.38
CA ALA A 254 -14.68 -11.91 -50.60
C ALA A 254 -14.43 -11.75 -49.12
N SER A 255 -13.33 -11.09 -48.75
CA SER A 255 -13.02 -10.88 -47.34
C SER A 255 -14.13 -10.05 -46.73
N LEU A 256 -14.16 -9.94 -45.41
CA LEU A 256 -15.17 -9.14 -44.77
C LEU A 256 -14.96 -7.67 -45.15
N PHE A 257 -16.03 -6.88 -45.12
CA PHE A 257 -15.95 -5.45 -45.42
C PHE A 257 -17.08 -4.78 -44.65
N ASP A 258 -16.73 -3.78 -43.85
CA ASP A 258 -17.68 -3.02 -43.06
C ASP A 258 -18.09 -1.79 -43.83
N GLU A 259 -19.19 -1.88 -44.57
CA GLU A 259 -19.67 -0.76 -45.37
C GLU A 259 -19.87 0.54 -44.60
N GLU A 260 -20.47 0.45 -43.42
CA GLU A 260 -20.72 1.63 -42.61
C GLU A 260 -19.42 2.20 -42.08
N GLY A 261 -18.56 1.32 -41.57
CA GLY A 261 -17.27 1.75 -41.03
C GLY A 261 -16.36 2.32 -42.08
N ALA A 262 -16.53 1.89 -43.33
CA ALA A 262 -15.71 2.35 -44.44
C ALA A 262 -15.87 3.86 -44.67
N THR A 263 -16.92 4.44 -44.11
CA THR A 263 -17.16 5.87 -44.28
C THR A 263 -16.55 6.73 -43.19
N ILE A 264 -15.94 6.11 -42.19
CA ILE A 264 -15.31 6.84 -41.10
C ILE A 264 -13.79 6.67 -41.20
N VAL A 265 -13.37 5.81 -42.12
CA VAL A 265 -11.95 5.56 -42.34
C VAL A 265 -11.21 6.88 -42.45
N LYS A 266 -11.55 7.66 -43.47
CA LYS A 266 -10.91 8.96 -43.72
C LYS A 266 -10.97 9.87 -42.49
N GLU A 267 -11.95 9.62 -41.63
CA GLU A 267 -12.10 10.42 -40.41
C GLU A 267 -11.07 9.96 -39.40
N ILE A 268 -10.80 8.65 -39.41
CA ILE A 268 -9.84 8.03 -38.51
C ILE A 268 -8.42 8.40 -38.91
N MET A 269 -8.11 8.29 -40.21
CA MET A 269 -6.78 8.63 -40.70
C MET A 269 -6.43 10.08 -40.43
N GLU A 270 -7.44 10.92 -40.35
CA GLU A 270 -7.22 12.33 -40.06
C GLU A 270 -6.70 12.41 -38.64
N LYS A 271 -7.45 11.76 -37.74
CA LYS A 271 -7.14 11.71 -36.31
C LYS A 271 -5.73 11.21 -36.11
N ALA A 272 -5.37 10.19 -36.88
CA ALA A 272 -4.04 9.61 -36.83
C ALA A 272 -3.04 10.71 -37.15
N GLU A 273 -3.33 11.51 -38.16
CA GLU A 273 -2.41 12.57 -38.56
C GLU A 273 -2.29 13.78 -37.63
N LYS A 274 -3.40 14.26 -37.08
CA LYS A 274 -3.34 15.42 -36.20
C LYS A 274 -2.59 15.05 -34.93
N ASN A 275 -2.63 13.76 -34.59
CA ASN A 275 -1.96 13.23 -33.42
C ASN A 275 -0.59 12.66 -33.72
N GLY A 276 -0.07 12.89 -34.93
CA GLY A 276 1.25 12.39 -35.27
C GLY A 276 1.48 10.91 -35.04
N VAL A 277 0.55 10.10 -35.52
CA VAL A 277 0.62 8.65 -35.39
C VAL A 277 0.47 8.01 -36.76
N LYS A 278 1.22 6.95 -37.02
CA LYS A 278 1.09 6.30 -38.32
C LYS A 278 0.65 4.86 -38.15
N ILE A 279 -0.59 4.60 -38.51
CA ILE A 279 -1.17 3.28 -38.40
C ILE A 279 -0.47 2.33 -39.34
N VAL A 280 -0.25 1.09 -38.92
CA VAL A 280 0.36 0.10 -39.81
C VAL A 280 -0.67 -1.00 -39.97
N PHE A 281 -0.81 -1.51 -41.18
CA PHE A 281 -1.77 -2.57 -41.49
C PHE A 281 -0.97 -3.74 -42.08
N PRO A 282 -1.63 -4.86 -42.38
CA PRO A 282 -0.84 -5.96 -42.95
C PRO A 282 -0.23 -5.53 -44.28
N VAL A 283 0.52 -6.41 -44.92
CA VAL A 283 1.10 -6.09 -46.21
C VAL A 283 1.00 -7.33 -47.08
N ASP A 284 0.72 -8.45 -46.43
CA ASP A 284 0.53 -9.71 -47.11
C ASP A 284 -0.48 -10.49 -46.30
N PHE A 285 -1.14 -11.47 -46.90
CA PHE A 285 -2.19 -12.19 -46.19
C PHE A 285 -2.24 -13.71 -46.39
N VAL A 286 -2.80 -14.42 -45.42
CA VAL A 286 -2.98 -15.87 -45.50
C VAL A 286 -4.47 -15.94 -45.83
N THR A 287 -4.81 -16.65 -46.91
CA THR A 287 -6.21 -16.72 -47.33
C THR A 287 -6.86 -18.10 -47.35
N GLY A 288 -8.19 -18.11 -47.40
CA GLY A 288 -8.95 -19.34 -47.44
C GLY A 288 -9.96 -19.28 -48.57
N ASP A 289 -10.22 -20.43 -49.21
CA ASP A 289 -11.18 -20.46 -50.31
C ASP A 289 -12.60 -20.43 -49.73
N LYS A 290 -12.66 -20.30 -48.41
CA LYS A 290 -13.91 -20.21 -47.67
C LYS A 290 -13.66 -20.04 -46.16
N PHE A 291 -14.57 -19.35 -45.47
CA PHE A 291 -14.42 -19.12 -44.04
C PHE A 291 -14.65 -20.44 -43.29
N ASP A 292 -13.64 -21.32 -43.34
CA ASP A 292 -13.73 -22.61 -42.67
C ASP A 292 -12.35 -23.14 -42.27
N GLU A 293 -12.29 -23.71 -41.07
CA GLU A 293 -11.08 -24.25 -40.49
C GLU A 293 -10.19 -25.07 -41.41
N ASN A 294 -10.81 -25.93 -42.22
CA ASN A 294 -10.04 -26.77 -43.14
C ASN A 294 -10.23 -26.37 -44.58
N ALA A 295 -10.10 -25.07 -44.82
CA ALA A 295 -10.24 -24.54 -46.16
C ALA A 295 -8.85 -24.54 -46.78
N LYS A 296 -8.82 -24.47 -48.11
CA LYS A 296 -7.54 -24.42 -48.84
C LYS A 296 -6.90 -23.13 -48.39
N VAL A 297 -5.61 -23.16 -48.19
CA VAL A 297 -4.90 -21.98 -47.76
C VAL A 297 -4.06 -21.44 -48.92
N GLY A 298 -4.11 -20.14 -49.13
CA GLY A 298 -3.35 -19.52 -50.19
C GLY A 298 -2.66 -18.28 -49.68
N GLN A 299 -1.96 -17.56 -50.56
CA GLN A 299 -1.27 -16.34 -50.15
C GLN A 299 -1.58 -15.18 -51.07
N ALA A 300 -1.44 -13.96 -50.54
CA ALA A 300 -1.70 -12.76 -51.30
C ALA A 300 -0.94 -11.56 -50.71
N THR A 301 -0.86 -10.47 -51.46
CA THR A 301 -0.23 -9.25 -50.97
C THR A 301 -1.15 -8.08 -51.28
N ILE A 302 -0.85 -6.92 -50.73
CA ILE A 302 -1.69 -5.76 -50.99
C ILE A 302 -1.78 -5.54 -52.51
N GLU A 303 -0.64 -5.65 -53.19
CA GLU A 303 -0.58 -5.46 -54.64
C GLU A 303 -1.43 -6.47 -55.42
N SER A 304 -1.31 -7.75 -55.09
CA SER A 304 -2.07 -8.76 -55.81
C SER A 304 -3.54 -8.82 -55.37
N GLY A 305 -3.82 -8.51 -54.12
CA GLY A 305 -5.21 -8.56 -53.64
C GLY A 305 -5.67 -9.99 -53.50
N ILE A 306 -6.82 -10.21 -52.86
CA ILE A 306 -7.32 -11.58 -52.71
C ILE A 306 -8.17 -11.98 -53.92
N PRO A 307 -8.08 -13.25 -54.35
CA PRO A 307 -8.88 -13.65 -55.50
C PRO A 307 -10.35 -13.64 -55.12
N SER A 308 -11.23 -13.60 -56.12
CA SER A 308 -12.66 -13.63 -55.83
C SER A 308 -12.94 -14.93 -55.11
N GLY A 309 -13.92 -14.90 -54.21
CA GLY A 309 -14.26 -16.11 -53.49
C GLY A 309 -13.38 -16.30 -52.27
N TRP A 310 -12.07 -16.28 -52.46
CA TRP A 310 -11.14 -16.43 -51.33
C TRP A 310 -11.30 -15.24 -50.41
N MET A 311 -10.67 -15.30 -49.23
CA MET A 311 -10.78 -14.20 -48.28
C MET A 311 -9.59 -14.21 -47.32
N GLY A 312 -9.18 -13.01 -46.90
CA GLY A 312 -8.06 -12.88 -45.98
C GLY A 312 -8.44 -13.29 -44.57
N LEU A 313 -7.67 -14.19 -43.98
CA LEU A 313 -7.98 -14.66 -42.65
C LEU A 313 -6.88 -14.47 -41.59
N ASP A 314 -5.71 -14.04 -42.04
CA ASP A 314 -4.57 -13.81 -41.14
C ASP A 314 -3.50 -13.07 -41.94
N CYS A 315 -2.68 -12.30 -41.24
CA CYS A 315 -1.61 -11.57 -41.90
C CYS A 315 -0.48 -12.55 -42.25
N GLY A 316 0.45 -12.13 -43.08
CA GLY A 316 1.51 -13.03 -43.50
C GLY A 316 2.93 -12.80 -43.05
N PRO A 317 3.89 -13.52 -43.66
CA PRO A 317 5.31 -13.39 -43.32
C PRO A 317 5.89 -11.96 -43.22
N GLU A 318 5.71 -11.13 -44.24
CA GLU A 318 6.25 -9.76 -44.13
C GLU A 318 5.52 -8.93 -43.07
N SER A 319 4.23 -9.24 -42.85
CA SER A 319 3.43 -8.52 -41.87
C SER A 319 3.94 -8.88 -40.47
N ILE A 320 4.24 -10.16 -40.28
CA ILE A 320 4.76 -10.60 -38.99
C ILE A 320 6.10 -9.91 -38.72
N LYS A 321 6.95 -9.84 -39.73
CA LYS A 321 8.25 -9.20 -39.52
C LYS A 321 8.08 -7.75 -39.14
N ILE A 322 7.35 -6.98 -39.92
CA ILE A 322 7.13 -5.58 -39.60
C ILE A 322 6.57 -5.45 -38.17
N ASN A 323 5.57 -6.28 -37.85
CA ASN A 323 4.97 -6.25 -36.51
C ASN A 323 6.04 -6.44 -35.43
N ALA A 324 6.92 -7.44 -35.62
CA ALA A 324 7.96 -7.70 -34.65
C ALA A 324 8.81 -6.44 -34.41
N GLN A 325 9.32 -5.84 -35.47
CA GLN A 325 10.15 -4.62 -35.38
C GLN A 325 9.52 -3.55 -34.50
N ILE A 326 8.25 -3.26 -34.76
CA ILE A 326 7.53 -2.23 -34.02
C ILE A 326 7.18 -2.64 -32.59
N VAL A 327 6.90 -3.91 -32.36
CA VAL A 327 6.59 -4.34 -31.02
C VAL A 327 7.84 -4.24 -30.14
N ALA A 328 8.98 -4.60 -30.70
CA ALA A 328 10.26 -4.57 -29.97
C ALA A 328 10.77 -3.20 -29.55
N GLN A 329 10.14 -2.12 -29.99
CA GLN A 329 10.62 -0.80 -29.61
C GLN A 329 9.67 -0.05 -28.70
N ALA A 330 8.80 -0.78 -28.03
CA ALA A 330 7.81 -0.16 -27.16
C ALA A 330 8.03 -0.41 -25.69
N LYS A 331 7.58 0.54 -24.86
CA LYS A 331 7.67 0.44 -23.40
C LYS A 331 6.31 -0.01 -22.84
N LEU A 332 5.25 0.33 -23.58
CA LEU A 332 3.88 -0.03 -23.20
C LEU A 332 3.08 -0.49 -24.41
N ILE A 333 2.53 -1.69 -24.29
CA ILE A 333 1.73 -2.27 -25.34
C ILE A 333 0.36 -2.63 -24.78
N VAL A 334 -0.68 -2.28 -25.53
CA VAL A 334 -2.02 -2.64 -25.15
C VAL A 334 -2.51 -3.40 -26.36
N TRP A 335 -2.90 -4.64 -26.11
CA TRP A 335 -3.33 -5.52 -27.17
C TRP A 335 -4.79 -5.89 -26.99
N ASN A 336 -5.60 -5.52 -27.97
CA ASN A 336 -7.01 -5.80 -27.92
C ASN A 336 -7.44 -6.39 -29.26
N GLY A 337 -7.61 -7.71 -29.28
CA GLY A 337 -8.05 -8.37 -30.48
C GLY A 337 -7.03 -9.06 -31.37
N PRO A 338 -7.17 -10.37 -31.56
CA PRO A 338 -6.22 -11.07 -32.41
C PRO A 338 -6.26 -10.45 -33.79
N ILE A 339 -5.20 -10.68 -34.57
CA ILE A 339 -5.10 -10.15 -35.92
C ILE A 339 -5.40 -11.17 -37.02
N GLY A 340 -5.97 -12.30 -36.63
CA GLY A 340 -6.33 -13.32 -37.60
C GLY A 340 -7.34 -14.23 -36.92
N VAL A 341 -7.88 -15.20 -37.63
CA VAL A 341 -8.86 -16.13 -37.06
C VAL A 341 -8.10 -17.14 -36.18
N PHE A 342 -7.67 -16.69 -35.01
CA PHE A 342 -6.90 -17.51 -34.08
C PHE A 342 -7.54 -18.85 -33.69
N GLU A 343 -8.86 -18.92 -33.77
CA GLU A 343 -9.57 -20.14 -33.40
C GLU A 343 -9.14 -21.29 -34.27
N TRP A 344 -8.51 -20.97 -35.41
CA TRP A 344 -8.08 -21.98 -36.35
C TRP A 344 -6.59 -21.80 -36.63
N ASP A 345 -5.81 -22.82 -36.31
CA ASP A 345 -4.36 -22.79 -36.46
C ASP A 345 -3.84 -22.44 -37.85
N ALA A 346 -4.58 -22.82 -38.88
CA ALA A 346 -4.13 -22.51 -40.22
C ALA A 346 -4.03 -21.02 -40.40
N PHE A 347 -4.76 -20.27 -39.58
CA PHE A 347 -4.76 -18.82 -39.69
C PHE A 347 -4.49 -18.11 -38.37
N ALA A 348 -3.80 -18.78 -37.47
CA ALA A 348 -3.48 -18.19 -36.18
C ALA A 348 -2.02 -17.76 -36.12
N LYS A 349 -1.22 -18.16 -37.11
CA LYS A 349 0.20 -17.85 -37.09
C LYS A 349 0.51 -16.40 -36.78
N GLY A 350 -0.19 -15.48 -37.42
CA GLY A 350 0.06 -14.07 -37.16
C GLY A 350 -0.18 -13.68 -35.71
N THR A 351 -1.28 -14.15 -35.15
CA THR A 351 -1.62 -13.83 -33.77
C THR A 351 -0.59 -14.41 -32.81
N LYS A 352 -0.22 -15.66 -33.02
CA LYS A 352 0.77 -16.36 -32.19
C LYS A 352 2.15 -15.69 -32.25
N ALA A 353 2.58 -15.35 -33.46
CA ALA A 353 3.87 -14.67 -33.64
C ALA A 353 3.84 -13.38 -32.83
N LEU A 354 2.72 -12.68 -32.89
CA LEU A 354 2.61 -11.44 -32.14
C LEU A 354 2.72 -11.72 -30.64
N MET A 355 2.07 -12.77 -30.18
CA MET A 355 2.12 -13.16 -28.77
C MET A 355 3.56 -13.42 -28.38
N ASP A 356 4.26 -14.16 -29.22
CA ASP A 356 5.65 -14.49 -28.98
C ASP A 356 6.44 -13.21 -28.78
N GLU A 357 6.23 -12.25 -29.66
CA GLU A 357 6.93 -10.98 -29.57
C GLU A 357 6.56 -10.15 -28.36
N VAL A 358 5.28 -10.19 -28.00
CA VAL A 358 4.80 -9.42 -26.87
C VAL A 358 5.37 -9.98 -25.59
N VAL A 359 5.35 -11.30 -25.48
CA VAL A 359 5.94 -11.96 -24.30
C VAL A 359 7.42 -11.58 -24.19
N LYS A 360 8.09 -11.50 -25.34
CA LYS A 360 9.50 -11.14 -25.37
C LYS A 360 9.66 -9.71 -24.84
N ALA A 361 8.69 -8.84 -25.15
CA ALA A 361 8.77 -7.46 -24.70
C ALA A 361 8.61 -7.34 -23.18
N THR A 362 7.80 -8.21 -22.60
CA THR A 362 7.60 -8.17 -21.15
C THR A 362 8.92 -8.49 -20.45
N SER A 363 9.62 -9.51 -20.93
CA SER A 363 10.91 -9.92 -20.37
C SER A 363 11.87 -8.74 -20.44
N ASN A 364 11.77 -7.96 -21.53
CA ASN A 364 12.65 -6.82 -21.72
C ASN A 364 12.16 -5.50 -21.12
N GLY A 365 11.34 -5.57 -20.08
CA GLY A 365 10.85 -4.37 -19.43
C GLY A 365 9.59 -3.68 -19.93
N CYS A 366 9.07 -4.09 -21.08
CA CYS A 366 7.86 -3.49 -21.62
C CYS A 366 6.64 -3.96 -20.86
N VAL A 367 5.80 -3.02 -20.44
CA VAL A 367 4.58 -3.39 -19.73
C VAL A 367 3.58 -3.77 -20.81
N THR A 368 3.03 -4.96 -20.70
CA THR A 368 2.08 -5.41 -21.70
C THR A 368 0.68 -5.67 -21.13
N ILE A 369 -0.31 -5.03 -21.72
CA ILE A 369 -1.68 -5.18 -21.26
C ILE A 369 -2.57 -5.83 -22.33
N ILE A 370 -3.30 -6.86 -21.94
CA ILE A 370 -4.18 -7.57 -22.87
C ILE A 370 -5.67 -7.45 -22.58
N GLY A 371 -6.45 -7.28 -23.64
CA GLY A 371 -7.88 -7.15 -23.51
C GLY A 371 -8.52 -8.43 -22.99
N GLY A 372 -9.60 -8.30 -22.23
CA GLY A 372 -10.25 -9.46 -21.66
C GLY A 372 -10.99 -10.41 -22.59
N GLY A 373 -11.25 -9.99 -23.81
CA GLY A 373 -11.98 -10.83 -24.74
C GLY A 373 -11.23 -11.97 -25.41
N ASP A 374 -11.28 -11.99 -26.74
CA ASP A 374 -10.61 -13.02 -27.55
C ASP A 374 -9.12 -13.04 -27.29
N THR A 375 -8.56 -11.91 -26.87
CA THR A 375 -7.13 -11.84 -26.62
C THR A 375 -6.75 -12.52 -25.30
N ALA A 376 -7.60 -12.36 -24.28
CA ALA A 376 -7.33 -12.97 -22.98
C ALA A 376 -7.37 -14.49 -23.06
N THR A 377 -8.13 -15.04 -23.99
CA THR A 377 -8.22 -16.49 -24.11
C THR A 377 -7.01 -17.02 -24.88
N CYS A 378 -6.43 -16.18 -25.73
CA CYS A 378 -5.25 -16.58 -26.48
C CYS A 378 -4.12 -16.90 -25.50
N CYS A 379 -4.02 -16.11 -24.43
CA CYS A 379 -2.99 -16.35 -23.42
C CYS A 379 -3.25 -17.69 -22.75
N ALA A 380 -4.52 -18.07 -22.69
CA ALA A 380 -4.92 -19.33 -22.06
C ALA A 380 -4.56 -20.51 -22.94
N LYS A 381 -4.92 -20.40 -24.21
CA LYS A 381 -4.65 -21.45 -25.16
C LYS A 381 -3.14 -21.73 -25.29
N TRP A 382 -2.32 -20.72 -25.00
CA TRP A 382 -0.86 -20.83 -25.10
C TRP A 382 -0.12 -20.47 -23.81
N GLY A 383 -0.76 -20.74 -22.68
CA GLY A 383 -0.17 -20.47 -21.38
C GLY A 383 0.74 -19.27 -21.17
N THR A 384 0.40 -18.12 -21.73
CA THR A 384 1.23 -16.93 -21.55
C THR A 384 0.59 -15.95 -20.56
N GLU A 385 -0.43 -16.44 -19.86
CA GLU A 385 -1.16 -15.65 -18.88
C GLU A 385 -0.24 -15.14 -17.79
N ASP A 386 0.92 -15.75 -17.63
CA ASP A 386 1.88 -15.33 -16.62
C ASP A 386 3.17 -14.78 -17.26
N LYS A 387 3.16 -14.60 -18.58
CA LYS A 387 4.32 -14.11 -19.28
C LYS A 387 4.13 -12.67 -19.77
N VAL A 388 2.95 -12.12 -19.55
CA VAL A 388 2.65 -10.74 -19.93
C VAL A 388 2.32 -10.00 -18.65
N SER A 389 2.43 -8.68 -18.69
CA SER A 389 2.15 -7.88 -17.52
C SER A 389 0.72 -7.99 -16.98
N HIS A 390 -0.28 -8.05 -17.85
CA HIS A 390 -1.66 -8.15 -17.37
C HIS A 390 -2.66 -8.67 -18.40
N VAL A 391 -3.53 -9.58 -17.96
CA VAL A 391 -4.56 -10.13 -18.84
C VAL A 391 -5.92 -9.78 -18.27
N SER A 392 -6.60 -8.81 -18.86
CA SER A 392 -7.91 -8.41 -18.36
C SER A 392 -8.86 -9.59 -18.15
N THR A 393 -9.53 -9.61 -17.01
CA THR A 393 -10.46 -10.66 -16.65
C THR A 393 -11.86 -10.36 -17.18
N GLY A 394 -11.99 -9.31 -17.97
CA GLY A 394 -13.30 -8.96 -18.52
C GLY A 394 -13.26 -8.23 -19.84
N GLY A 395 -13.70 -8.91 -20.90
CA GLY A 395 -13.71 -8.32 -22.23
C GLY A 395 -14.55 -7.06 -22.31
N GLY A 396 -15.84 -7.22 -22.09
CA GLY A 396 -16.74 -6.07 -22.15
C GLY A 396 -16.29 -4.83 -21.39
N ALA A 397 -15.82 -4.99 -20.16
CA ALA A 397 -15.39 -3.84 -19.36
C ALA A 397 -14.09 -3.21 -19.83
N SER A 398 -13.12 -4.04 -20.20
CA SER A 398 -11.83 -3.54 -20.66
C SER A 398 -11.99 -2.72 -21.94
N LEU A 399 -12.98 -3.08 -22.74
CA LEU A 399 -13.24 -2.40 -24.00
C LEU A 399 -13.76 -0.99 -23.73
N GLU A 400 -14.67 -0.88 -22.78
CA GLU A 400 -15.24 0.41 -22.43
C GLU A 400 -14.22 1.30 -21.78
N LEU A 401 -13.44 0.72 -20.87
CA LEU A 401 -12.39 1.47 -20.18
C LEU A 401 -11.46 2.03 -21.25
N LEU A 402 -11.00 1.18 -22.16
CA LEU A 402 -10.09 1.61 -23.21
C LEU A 402 -10.73 2.56 -24.22
N GLU A 403 -12.06 2.61 -24.22
CA GLU A 403 -12.77 3.49 -25.16
C GLU A 403 -12.99 4.90 -24.62
N GLY A 404 -12.69 5.10 -23.34
CA GLY A 404 -12.87 6.42 -22.74
C GLY A 404 -14.21 6.59 -22.05
N LYS A 405 -15.01 5.52 -22.03
CA LYS A 405 -16.33 5.55 -21.41
C LYS A 405 -16.23 5.44 -19.91
N ILE A 406 -17.28 5.86 -19.22
CA ILE A 406 -17.32 5.79 -17.77
C ILE A 406 -17.77 4.38 -17.40
N LEU A 407 -17.13 3.78 -16.41
CA LEU A 407 -17.50 2.45 -15.92
C LEU A 407 -18.23 2.72 -14.61
N PRO A 408 -19.56 2.62 -14.61
CA PRO A 408 -20.35 2.88 -13.41
C PRO A 408 -19.88 2.15 -12.16
N GLY A 409 -19.69 0.84 -12.28
CA GLY A 409 -19.26 0.06 -11.14
C GLY A 409 -18.05 0.66 -10.46
N VAL A 410 -17.21 1.32 -11.26
CA VAL A 410 -16.00 1.93 -10.74
C VAL A 410 -16.30 3.26 -10.07
N GLU A 411 -17.05 4.12 -10.73
CA GLU A 411 -17.36 5.42 -10.16
C GLU A 411 -18.20 5.25 -8.90
N ALA A 412 -18.77 4.07 -8.71
CA ALA A 412 -19.60 3.80 -7.54
C ALA A 412 -18.73 3.54 -6.32
N LEU A 413 -17.49 3.11 -6.55
CA LEU A 413 -16.55 2.84 -5.46
C LEU A 413 -16.30 4.14 -4.72
N SER A 414 -15.93 4.06 -3.45
CA SER A 414 -15.66 5.25 -2.64
C SER A 414 -14.31 5.88 -2.97
N ASN A 415 -14.11 7.12 -2.55
CA ASN A 415 -12.84 7.82 -2.76
C ASN A 415 -12.14 7.89 -1.40
N MET A 416 -11.65 9.08 -1.06
CA MET A 416 -10.99 9.34 0.20
C MET A 416 -10.72 10.85 0.32
N ALA B 4 7.85 -12.04 19.74
CA ALA B 4 9.11 -12.39 19.01
C ALA B 4 10.28 -12.48 19.98
N LYS B 5 10.45 -11.44 20.80
CA LYS B 5 11.54 -11.37 21.77
C LYS B 5 11.12 -11.56 23.21
N LEU B 6 12.10 -11.96 24.02
CA LEU B 6 11.91 -12.21 25.44
C LEU B 6 11.52 -10.93 26.17
N THR B 7 10.85 -11.06 27.31
CA THR B 7 10.41 -9.89 28.08
C THR B 7 10.52 -10.19 29.57
N LEU B 8 10.76 -9.15 30.37
CA LEU B 8 10.89 -9.31 31.82
C LEU B 8 9.87 -10.27 32.44
N ASP B 9 8.57 -9.97 32.28
CA ASP B 9 7.54 -10.83 32.88
C ASP B 9 7.53 -12.30 32.48
N LYS B 10 8.42 -12.72 31.58
CA LYS B 10 8.46 -14.10 31.15
C LYS B 10 9.76 -14.78 31.56
N VAL B 11 10.60 -14.04 32.27
CA VAL B 11 11.90 -14.54 32.72
C VAL B 11 11.83 -14.86 34.21
N ASP B 12 12.61 -15.84 34.64
CA ASP B 12 12.63 -16.19 36.06
C ASP B 12 13.90 -15.59 36.64
N LEU B 13 13.73 -14.67 37.59
CA LEU B 13 14.87 -14.01 38.19
C LEU B 13 15.03 -14.29 39.69
N LYS B 14 14.59 -15.47 40.11
CA LYS B 14 14.72 -15.82 41.52
C LYS B 14 16.20 -16.03 41.78
N GLY B 15 16.71 -15.40 42.83
CA GLY B 15 18.13 -15.55 43.16
C GLY B 15 19.09 -15.21 42.03
N LYS B 16 18.60 -14.55 41.00
CA LYS B 16 19.47 -14.19 39.89
C LYS B 16 19.91 -12.73 39.86
N ARG B 17 21.18 -12.53 39.53
CA ARG B 17 21.71 -11.18 39.44
C ARG B 17 21.23 -10.62 38.13
N VAL B 18 20.70 -9.40 38.15
CA VAL B 18 20.20 -8.77 36.94
C VAL B 18 20.99 -7.54 36.54
N ILE B 19 21.50 -7.53 35.31
CA ILE B 19 22.23 -6.39 34.78
C ILE B 19 21.21 -5.72 33.86
N MET B 20 20.83 -4.49 34.21
CA MET B 20 19.83 -3.78 33.44
C MET B 20 20.33 -2.48 32.81
N ARG B 21 20.17 -2.40 31.49
CA ARG B 21 20.59 -1.21 30.78
C ARG B 21 19.35 -0.33 30.83
N VAL B 22 19.51 0.88 31.35
CA VAL B 22 18.38 1.78 31.49
C VAL B 22 18.63 3.17 30.87
N ASP B 23 17.67 4.07 31.07
CA ASP B 23 17.81 5.42 30.52
C ASP B 23 17.92 6.39 31.68
N PHE B 24 19.11 6.90 31.91
CA PHE B 24 19.32 7.82 33.01
C PHE B 24 19.94 9.10 32.44
N ASN B 25 19.76 9.31 31.14
CA ASN B 25 20.30 10.50 30.48
C ASN B 25 19.45 11.74 30.79
N VAL B 26 19.25 12.01 32.08
CA VAL B 26 18.47 13.15 32.54
C VAL B 26 19.17 14.48 32.28
N PRO B 27 18.40 15.57 32.10
CA PRO B 27 19.05 16.87 31.86
C PRO B 27 19.76 17.23 33.14
N MET B 28 20.99 17.71 33.02
CA MET B 28 21.76 18.04 34.21
C MET B 28 22.67 19.25 34.03
N LYS B 29 22.56 20.20 34.96
CA LYS B 29 23.37 21.41 34.95
C LYS B 29 24.22 21.41 36.22
N ASN B 30 25.51 21.16 36.07
CA ASN B 30 26.43 21.11 37.21
C ASN B 30 25.98 20.06 38.22
N ASN B 31 26.22 18.80 37.86
CA ASN B 31 25.86 17.65 38.68
C ASN B 31 24.55 17.81 39.47
N GLN B 32 23.57 18.44 38.84
CA GLN B 32 22.27 18.67 39.44
C GLN B 32 21.19 18.38 38.40
N ILE B 33 20.31 17.44 38.71
CA ILE B 33 19.24 17.03 37.82
C ILE B 33 18.13 18.09 37.68
N THR B 34 17.84 18.52 36.46
CA THR B 34 16.79 19.51 36.29
C THR B 34 15.49 18.84 35.83
N ASN B 35 15.53 17.50 35.72
CA ASN B 35 14.38 16.71 35.30
C ASN B 35 14.62 15.24 35.60
N ASN B 36 13.84 14.67 36.52
CA ASN B 36 13.98 13.27 36.89
C ASN B 36 12.92 12.41 36.23
N GLN B 37 12.31 12.91 35.16
CA GLN B 37 11.26 12.14 34.49
C GLN B 37 11.74 10.74 34.13
N ARG B 38 12.92 10.66 33.52
CA ARG B 38 13.48 9.38 33.10
C ARG B 38 13.72 8.39 34.23
N ILE B 39 14.19 8.90 35.36
CA ILE B 39 14.46 8.06 36.51
C ILE B 39 13.18 7.42 37.03
N LYS B 40 12.17 8.24 37.29
CA LYS B 40 10.90 7.73 37.79
C LYS B 40 10.35 6.73 36.79
N ALA B 41 10.60 6.97 35.51
CA ALA B 41 10.10 6.11 34.45
C ALA B 41 10.77 4.74 34.33
N ALA B 42 11.86 4.53 35.07
CA ALA B 42 12.57 3.27 34.99
C ALA B 42 12.29 2.37 36.17
N ILE B 43 11.73 2.96 37.22
CA ILE B 43 11.46 2.23 38.46
C ILE B 43 10.67 0.93 38.34
N PRO B 44 9.61 0.91 37.53
CA PRO B 44 8.80 -0.31 37.39
C PRO B 44 9.58 -1.57 37.03
N SER B 45 10.48 -1.50 36.06
CA SER B 45 11.25 -2.68 35.69
C SER B 45 12.10 -3.09 36.88
N ILE B 46 12.76 -2.11 37.50
CA ILE B 46 13.61 -2.35 38.66
C ILE B 46 12.81 -2.99 39.81
N LYS B 47 11.62 -2.47 40.06
CA LYS B 47 10.76 -2.98 41.12
C LYS B 47 10.30 -4.39 40.82
N HIS B 48 9.95 -4.66 39.57
CA HIS B 48 9.52 -6.00 39.22
C HIS B 48 10.67 -6.97 39.50
N CYS B 49 11.89 -6.60 39.14
CA CYS B 49 13.04 -7.47 39.38
C CYS B 49 13.14 -7.76 40.88
N LEU B 50 12.98 -6.74 41.71
CA LEU B 50 13.07 -6.95 43.15
C LEU B 50 11.93 -7.81 43.70
N ASP B 51 10.71 -7.49 43.29
CA ASP B 51 9.54 -8.23 43.75
C ASP B 51 9.47 -9.69 43.27
N ASN B 52 10.44 -10.12 42.47
CA ASN B 52 10.44 -11.51 42.00
C ASN B 52 11.72 -12.27 42.29
N GLY B 53 12.35 -11.97 43.43
CA GLY B 53 13.55 -12.67 43.86
C GLY B 53 14.92 -12.33 43.34
N ALA B 54 15.07 -11.26 42.57
CA ALA B 54 16.40 -10.95 42.07
C ALA B 54 17.35 -10.81 43.24
N LYS B 55 18.53 -11.38 43.10
CA LYS B 55 19.53 -11.29 44.15
C LYS B 55 20.00 -9.84 44.16
N SER B 56 20.08 -9.25 42.98
CA SER B 56 20.52 -7.87 42.86
C SER B 56 20.16 -7.30 41.49
N VAL B 57 20.38 -5.99 41.34
CA VAL B 57 20.12 -5.29 40.09
C VAL B 57 21.24 -4.32 39.80
N VAL B 58 21.90 -4.51 38.67
CA VAL B 58 22.97 -3.60 38.28
C VAL B 58 22.40 -2.68 37.19
N LEU B 59 22.51 -1.38 37.43
CA LEU B 59 22.02 -0.41 36.47
C LEU B 59 23.16 0.21 35.70
N MET B 60 23.13 0.14 34.37
CA MET B 60 24.17 0.75 33.57
C MET B 60 23.43 1.66 32.61
N SER B 61 23.95 2.87 32.41
CA SER B 61 23.30 3.84 31.52
C SER B 61 24.27 4.97 31.21
N HIS B 62 24.03 5.70 30.13
CA HIS B 62 24.93 6.80 29.79
C HIS B 62 24.28 8.14 30.15
N LEU B 63 25.07 9.22 30.10
CA LEU B 63 24.58 10.56 30.41
C LEU B 63 25.38 11.66 29.70
N GLY B 64 24.68 12.55 29.02
CA GLY B 64 25.34 13.65 28.33
C GLY B 64 26.16 13.25 27.12
N ARG B 65 27.18 14.05 26.85
CA ARG B 65 28.05 13.82 25.71
C ARG B 65 29.52 13.79 26.16
N PRO B 66 29.94 12.71 26.86
CA PRO B 66 31.34 12.65 27.30
C PRO B 66 32.31 12.15 26.24
N ASP B 67 31.83 11.25 25.37
CA ASP B 67 32.61 10.68 24.28
C ASP B 67 33.93 10.00 24.61
N GLY B 68 33.87 8.84 25.24
CA GLY B 68 35.08 8.11 25.57
C GLY B 68 36.08 8.73 26.53
N ILE B 69 35.66 9.73 27.29
CA ILE B 69 36.54 10.38 28.28
C ILE B 69 35.84 10.50 29.63
N PRO B 70 36.54 10.16 30.73
CA PRO B 70 35.92 10.26 32.06
C PRO B 70 35.71 11.72 32.47
N MET B 71 34.50 12.04 32.93
CA MET B 71 34.19 13.41 33.32
C MET B 71 33.21 13.45 34.48
N PRO B 72 33.55 12.79 35.58
CA PRO B 72 32.65 12.78 36.73
C PRO B 72 32.34 14.14 37.31
N ASP B 73 32.90 15.20 36.75
CA ASP B 73 32.65 16.53 37.28
C ASP B 73 31.44 17.22 36.63
N LYS B 74 30.79 16.55 35.69
CA LYS B 74 29.64 17.15 35.03
C LYS B 74 28.69 16.12 34.42
N TYR B 75 29.22 14.94 34.09
CA TYR B 75 28.42 13.87 33.48
C TYR B 75 28.36 12.61 34.35
N SER B 76 28.79 12.72 35.60
CA SER B 76 28.74 11.58 36.50
C SER B 76 27.32 11.17 36.81
N LEU B 77 27.07 9.87 36.84
CA LEU B 77 25.78 9.33 37.13
C LEU B 77 25.55 9.32 38.65
N GLU B 78 26.52 9.83 39.41
CA GLU B 78 26.39 9.83 40.86
C GLU B 78 25.08 10.47 41.35
N PRO B 79 24.79 11.72 40.94
CA PRO B 79 23.55 12.35 41.40
C PRO B 79 22.29 11.53 41.14
N VAL B 80 22.33 10.67 40.13
CA VAL B 80 21.17 9.83 39.81
C VAL B 80 20.99 8.80 40.93
N ALA B 81 22.10 8.30 41.47
CA ALA B 81 22.02 7.32 42.54
C ALA B 81 21.21 7.91 43.70
N ASP B 82 21.57 9.13 44.10
CA ASP B 82 20.90 9.80 45.20
C ASP B 82 19.38 9.92 44.94
N GLU B 83 19.01 10.45 43.78
CA GLU B 83 17.61 10.63 43.43
C GLU B 83 16.85 9.30 43.43
N LEU B 84 17.54 8.26 42.99
CA LEU B 84 16.95 6.94 42.91
C LEU B 84 16.71 6.38 44.32
N LYS B 85 17.61 6.71 45.26
CA LYS B 85 17.47 6.25 46.64
C LYS B 85 16.20 6.86 47.19
N SER B 86 15.95 8.08 46.78
CA SER B 86 14.78 8.82 47.22
C SER B 86 13.50 8.21 46.63
N LEU B 87 13.52 7.86 45.35
CA LEU B 87 12.35 7.28 44.70
C LEU B 87 12.13 5.82 45.10
N LEU B 88 13.22 5.07 45.27
CA LEU B 88 13.15 3.67 45.65
C LEU B 88 13.05 3.47 47.17
N ASN B 89 13.44 4.50 47.92
CA ASN B 89 13.47 4.46 49.39
C ASN B 89 14.29 3.26 49.84
N LYS B 90 15.46 3.11 49.23
CA LYS B 90 16.35 2.01 49.54
C LYS B 90 17.73 2.48 49.16
N ASP B 91 18.75 2.05 49.88
CA ASP B 91 20.10 2.48 49.55
C ASP B 91 20.51 1.91 48.20
N VAL B 92 21.29 2.68 47.46
CA VAL B 92 21.77 2.28 46.16
C VAL B 92 23.26 2.43 46.17
N ILE B 93 23.97 1.36 45.85
CA ILE B 93 25.42 1.39 45.83
C ILE B 93 25.85 2.03 44.52
N PHE B 94 26.70 3.05 44.57
CA PHE B 94 27.17 3.69 43.36
C PHE B 94 28.61 3.25 43.09
N LEU B 95 28.95 3.05 41.82
CA LEU B 95 30.31 2.66 41.49
C LEU B 95 30.95 3.74 40.62
N LYS B 96 32.19 4.07 40.97
CA LYS B 96 32.95 5.09 40.28
C LYS B 96 33.35 4.68 38.87
N ASP B 97 33.08 3.43 38.51
CA ASP B 97 33.43 2.93 37.18
C ASP B 97 32.31 2.01 36.70
N CYS B 98 32.44 1.48 35.49
CA CYS B 98 31.40 0.59 34.95
C CYS B 98 31.99 -0.75 34.50
N VAL B 99 33.31 -0.86 34.56
CA VAL B 99 34.00 -2.09 34.20
C VAL B 99 35.26 -2.12 35.02
N GLY B 100 35.91 -3.28 35.09
CA GLY B 100 37.12 -3.38 35.89
C GLY B 100 36.98 -4.34 37.04
N PRO B 101 38.13 -4.83 37.57
CA PRO B 101 38.16 -5.77 38.69
C PRO B 101 37.27 -5.36 39.86
N GLU B 102 37.56 -4.19 40.42
CA GLU B 102 36.80 -3.69 41.55
C GLU B 102 35.32 -3.73 41.27
N VAL B 103 34.91 -3.29 40.09
CA VAL B 103 33.50 -3.30 39.72
C VAL B 103 32.96 -4.74 39.67
N GLU B 104 33.71 -5.64 39.06
CA GLU B 104 33.25 -7.02 38.96
C GLU B 104 33.10 -7.64 40.34
N GLN B 105 34.04 -7.34 41.23
CA GLN B 105 34.03 -7.89 42.57
C GLN B 105 32.78 -7.50 43.35
N ALA B 106 32.41 -6.23 43.26
CA ALA B 106 31.24 -5.67 43.96
C ALA B 106 29.92 -6.23 43.46
N CYS B 107 29.89 -6.63 42.20
CA CYS B 107 28.68 -7.18 41.55
C CYS B 107 28.72 -8.70 41.51
N ALA B 108 29.87 -9.28 41.84
CA ALA B 108 30.04 -10.72 41.80
C ALA B 108 28.94 -11.52 42.51
N ASN B 109 28.69 -11.17 43.76
CA ASN B 109 27.68 -11.83 44.58
C ASN B 109 27.23 -10.88 45.68
N PRO B 110 26.39 -9.88 45.36
CA PRO B 110 25.90 -8.92 46.34
C PRO B 110 24.80 -9.48 47.23
N ASP B 111 24.68 -8.90 48.42
CA ASP B 111 23.66 -9.27 49.40
C ASP B 111 22.31 -9.09 48.72
N ASN B 112 21.37 -9.99 48.99
CA ASN B 112 20.05 -9.93 48.36
C ASN B 112 19.38 -8.56 48.36
N GLY B 113 18.80 -8.23 47.22
CA GLY B 113 18.10 -6.96 47.08
C GLY B 113 19.01 -5.76 46.97
N SER B 114 20.19 -5.93 46.38
CA SER B 114 21.12 -4.82 46.21
C SER B 114 20.83 -4.12 44.90
N ILE B 115 20.91 -2.80 44.92
CA ILE B 115 20.70 -2.00 43.71
C ILE B 115 22.02 -1.27 43.50
N ILE B 116 22.65 -1.55 42.37
CA ILE B 116 23.93 -0.95 42.06
C ILE B 116 23.87 -0.12 40.79
N LEU B 117 24.40 1.09 40.86
CA LEU B 117 24.42 1.94 39.69
C LEU B 117 25.86 2.09 39.24
N LEU B 118 26.09 1.90 37.96
CA LEU B 118 27.44 2.03 37.45
C LEU B 118 27.67 3.43 36.93
N GLU B 119 28.93 3.86 36.97
CA GLU B 119 29.31 5.18 36.50
C GLU B 119 28.99 5.24 35.00
N ASN B 120 28.90 6.47 34.47
CA ASN B 120 28.58 6.71 33.07
C ASN B 120 29.28 5.75 32.09
N LEU B 121 28.50 4.90 31.43
CA LEU B 121 29.03 3.94 30.46
C LEU B 121 29.81 4.62 29.34
N ARG B 122 29.57 5.89 29.10
CA ARG B 122 30.29 6.54 28.02
C ARG B 122 31.53 7.32 28.38
N PHE B 123 32.15 6.93 29.50
CA PHE B 123 33.40 7.52 29.97
C PHE B 123 34.46 6.58 29.35
N HIS B 124 33.97 5.56 28.63
CA HIS B 124 34.81 4.58 27.97
C HIS B 124 34.45 4.58 26.50
N VAL B 125 35.45 4.78 25.65
CA VAL B 125 35.26 4.85 24.23
C VAL B 125 34.67 3.56 23.70
N GLU B 126 34.86 2.46 24.42
CA GLU B 126 34.35 1.16 23.98
C GLU B 126 32.81 1.02 23.93
N GLU B 127 32.09 1.89 24.65
CA GLU B 127 30.63 1.83 24.67
C GLU B 127 30.03 2.15 23.32
N GLU B 128 30.44 3.27 22.75
CA GLU B 128 29.94 3.68 21.44
C GLU B 128 30.83 3.21 20.30
N GLY B 129 32.05 2.80 20.63
CA GLY B 129 32.98 2.37 19.60
C GLY B 129 33.68 3.58 19.00
N LYS B 130 33.52 4.72 19.65
CA LYS B 130 34.14 5.97 19.21
C LYS B 130 34.06 7.05 20.29
N GLY B 131 34.82 8.11 20.06
CA GLY B 131 34.86 9.21 21.00
C GLY B 131 35.86 10.22 20.48
N LYS B 132 36.35 11.09 21.34
CA LYS B 132 37.32 12.11 20.95
C LYS B 132 38.41 12.19 22.00
N ASP B 133 39.62 12.60 21.61
CA ASP B 133 40.71 12.70 22.57
C ASP B 133 40.69 14.05 23.26
N SER B 134 41.78 14.40 23.94
CA SER B 134 41.85 15.67 24.66
C SER B 134 41.87 16.92 23.78
N SER B 135 42.25 16.76 22.50
CA SER B 135 42.27 17.91 21.60
C SER B 135 40.96 17.97 20.82
N GLY B 136 40.00 17.15 21.23
CA GLY B 136 38.71 17.13 20.58
C GLY B 136 38.72 16.41 19.23
N LYS B 137 39.84 15.78 18.89
CA LYS B 137 39.99 15.07 17.62
C LYS B 137 39.18 13.79 17.68
N LYS B 138 38.43 13.48 16.62
CA LYS B 138 37.62 12.26 16.60
C LYS B 138 38.49 11.01 16.55
N ILE B 139 38.23 10.08 17.46
CA ILE B 139 39.00 8.83 17.50
C ILE B 139 38.09 7.61 17.58
N SER B 140 38.62 6.48 17.11
CA SER B 140 37.88 5.23 17.13
C SER B 140 38.29 4.33 18.30
N ALA B 141 37.45 3.36 18.64
CA ALA B 141 37.74 2.44 19.73
C ALA B 141 38.34 1.15 19.19
N ASP B 142 39.34 0.63 19.89
CA ASP B 142 40.03 -0.61 19.51
C ASP B 142 39.13 -1.85 19.65
N PRO B 143 38.87 -2.54 18.53
CA PRO B 143 38.02 -3.74 18.58
C PRO B 143 38.39 -4.67 19.75
N ALA B 144 39.70 -4.83 19.96
CA ALA B 144 40.20 -5.70 21.02
C ALA B 144 39.80 -5.22 22.43
N LYS B 145 39.97 -3.94 22.71
CA LYS B 145 39.60 -3.40 24.02
C LYS B 145 38.08 -3.41 24.18
N VAL B 146 37.38 -3.30 23.07
CA VAL B 146 35.93 -3.32 23.12
C VAL B 146 35.47 -4.67 23.63
N GLU B 147 36.19 -5.71 23.25
CA GLU B 147 35.86 -7.06 23.69
C GLU B 147 35.96 -7.25 25.21
N ALA B 148 37.03 -6.75 25.81
CA ALA B 148 37.21 -6.88 27.24
C ALA B 148 36.17 -6.05 27.98
N PHE B 149 35.79 -4.92 27.39
CA PHE B 149 34.78 -4.03 27.97
C PHE B 149 33.47 -4.79 28.05
N ARG B 150 33.14 -5.55 27.01
CA ARG B 150 31.92 -6.33 27.01
C ARG B 150 32.01 -7.50 27.95
N ALA B 151 33.22 -8.04 28.08
CA ALA B 151 33.43 -9.17 28.96
C ALA B 151 33.21 -8.72 30.41
N SER B 152 33.79 -7.58 30.77
CA SER B 152 33.67 -7.06 32.11
C SER B 152 32.22 -6.73 32.45
N LEU B 153 31.41 -6.50 31.42
CA LEU B 153 30.00 -6.17 31.65
C LEU B 153 29.21 -7.45 31.78
N SER B 154 29.53 -8.43 30.96
CA SER B 154 28.80 -9.68 30.98
C SER B 154 28.92 -10.43 32.32
N LYS B 155 29.86 -10.00 33.15
CA LYS B 155 30.06 -10.65 34.43
C LYS B 155 29.17 -10.04 35.50
N LEU B 156 28.81 -8.78 35.33
CA LEU B 156 27.98 -8.09 36.32
C LEU B 156 26.63 -8.72 36.62
N GLY B 157 26.12 -9.57 35.73
CA GLY B 157 24.84 -10.21 35.99
C GLY B 157 24.69 -11.59 35.37
N ASP B 158 23.62 -12.30 35.72
CA ASP B 158 23.34 -13.65 35.18
C ASP B 158 22.24 -13.54 34.10
N VAL B 159 21.44 -12.47 34.18
CA VAL B 159 20.35 -12.24 33.24
C VAL B 159 20.42 -10.78 32.77
N TYR B 160 20.34 -10.56 31.46
CA TYR B 160 20.41 -9.19 30.91
C TYR B 160 19.03 -8.62 30.54
N VAL B 161 18.76 -7.40 30.99
CA VAL B 161 17.49 -6.72 30.71
C VAL B 161 17.78 -5.35 30.09
N ASN B 162 17.38 -5.16 28.84
CA ASN B 162 17.58 -3.90 28.13
C ASN B 162 16.33 -3.03 28.19
N ASP B 163 16.35 -2.00 29.03
CA ASP B 163 15.19 -1.14 29.15
C ASP B 163 15.52 0.27 28.73
N ALA B 164 16.25 0.38 27.63
CA ALA B 164 16.67 1.67 27.09
C ALA B 164 16.41 1.70 25.58
N PHE B 165 15.15 1.55 25.20
CA PHE B 165 14.74 1.57 23.82
C PHE B 165 15.42 2.72 23.07
N GLY B 166 15.53 3.86 23.74
CA GLY B 166 16.13 5.02 23.11
C GLY B 166 17.53 4.90 22.52
N THR B 167 18.22 3.79 22.80
CA THR B 167 19.58 3.57 22.29
C THR B 167 19.63 2.28 21.48
N ALA B 168 18.48 1.62 21.36
CA ALA B 168 18.35 0.36 20.64
C ALA B 168 18.69 0.43 19.16
N HIS B 169 18.88 1.63 18.62
CA HIS B 169 19.20 1.81 17.22
C HIS B 169 20.73 1.97 17.00
N ARG B 170 21.48 1.85 18.09
CA ARG B 170 22.94 1.97 18.05
C ARG B 170 23.53 0.67 18.58
N ALA B 171 24.38 0.03 17.78
CA ALA B 171 25.00 -1.23 18.18
C ALA B 171 26.09 -1.05 19.23
N HIS B 172 25.76 -0.32 20.29
CA HIS B 172 26.68 -0.05 21.39
C HIS B 172 26.95 -1.31 22.23
N SER B 173 28.07 -1.30 22.95
CA SER B 173 28.43 -2.42 23.81
C SER B 173 27.28 -2.85 24.74
N SER B 174 26.68 -1.90 25.45
CA SER B 174 25.60 -2.21 26.38
C SER B 174 24.30 -2.59 25.70
N MET B 175 24.24 -2.41 24.38
CA MET B 175 23.04 -2.74 23.64
C MET B 175 23.09 -4.12 23.01
N VAL B 176 24.23 -4.47 22.43
CA VAL B 176 24.40 -5.77 21.75
C VAL B 176 25.57 -6.59 22.27
N GLY B 177 26.33 -6.06 23.22
CA GLY B 177 27.47 -6.79 23.72
C GLY B 177 27.35 -7.68 24.95
N VAL B 178 26.30 -7.50 25.75
CA VAL B 178 26.15 -8.29 26.96
C VAL B 178 25.86 -9.77 26.71
N ASN B 179 26.93 -10.55 26.68
CA ASN B 179 26.85 -11.99 26.46
C ASN B 179 26.25 -12.72 27.66
N LEU B 180 24.93 -12.93 27.60
CA LEU B 180 24.23 -13.66 28.66
C LEU B 180 23.18 -14.55 28.04
N PRO B 181 22.98 -15.74 28.62
CA PRO B 181 22.00 -16.69 28.12
C PRO B 181 20.65 -16.04 27.80
N GLN B 182 20.03 -15.44 28.81
CA GLN B 182 18.74 -14.77 28.63
C GLN B 182 18.89 -13.26 28.50
N LYS B 183 18.55 -12.74 27.33
CA LYS B 183 18.61 -11.31 27.07
C LYS B 183 17.19 -10.85 26.80
N ALA B 184 16.63 -10.04 27.70
CA ALA B 184 15.24 -9.61 27.56
C ALA B 184 14.92 -8.13 27.67
N SER B 185 13.82 -7.74 27.02
CA SER B 185 13.38 -6.35 27.06
C SER B 185 12.79 -5.98 28.40
N GLY B 186 12.90 -4.70 28.72
CA GLY B 186 12.36 -4.21 29.97
C GLY B 186 10.92 -3.79 29.70
N PHE B 187 10.28 -3.18 30.69
CA PHE B 187 8.90 -2.73 30.55
C PHE B 187 8.75 -1.54 29.58
N LEU B 188 9.61 -0.53 29.72
CA LEU B 188 9.52 0.60 28.80
C LEU B 188 9.75 0.14 27.37
N MET B 189 10.67 -0.80 27.16
CA MET B 189 10.95 -1.27 25.80
C MET B 189 9.84 -2.10 25.16
N LYS B 190 9.29 -3.06 25.90
CA LYS B 190 8.24 -3.91 25.34
C LYS B 190 7.13 -3.01 24.85
N LYS B 191 6.76 -2.05 25.68
CA LYS B 191 5.69 -1.11 25.35
C LYS B 191 5.98 -0.39 24.03
N GLU B 192 7.18 0.17 23.88
CA GLU B 192 7.56 0.87 22.66
C GLU B 192 7.40 -0.03 21.45
N LEU B 193 7.86 -1.27 21.57
CA LEU B 193 7.77 -2.21 20.46
C LEU B 193 6.34 -2.69 20.25
N ASP B 194 5.53 -2.70 21.32
CA ASP B 194 4.16 -3.14 21.19
C ASP B 194 3.42 -2.17 20.29
N TYR B 195 3.62 -0.88 20.56
CA TYR B 195 2.96 0.14 19.77
C TYR B 195 3.59 0.33 18.38
N PHE B 196 4.90 0.43 18.31
CA PHE B 196 5.54 0.62 17.01
C PHE B 196 5.51 -0.59 16.09
N SER B 197 4.84 -1.65 16.51
CA SER B 197 4.75 -2.84 15.67
C SER B 197 3.30 -2.93 15.26
N LYS B 198 2.43 -2.56 16.19
CA LYS B 198 0.98 -2.58 15.97
C LYS B 198 0.66 -1.60 14.88
N ALA B 199 1.51 -0.59 14.75
CA ALA B 199 1.33 0.40 13.71
C ALA B 199 1.81 -0.20 12.41
N LEU B 200 3.05 -0.68 12.42
CA LEU B 200 3.66 -1.25 11.22
C LEU B 200 3.18 -2.64 10.80
N GLU B 201 2.20 -3.21 11.50
CA GLU B 201 1.71 -4.54 11.14
C GLU B 201 0.19 -4.68 11.11
N LYS B 202 -0.46 -4.21 12.15
CA LYS B 202 -1.92 -4.26 12.25
C LYS B 202 -2.43 -2.84 12.46
N PRO B 203 -2.26 -1.97 11.45
CA PRO B 203 -2.75 -0.61 11.63
C PRO B 203 -4.28 -0.55 11.74
N GLU B 204 -4.77 0.19 12.72
CA GLU B 204 -6.20 0.34 12.93
C GLU B 204 -6.73 1.46 12.03
N ARG B 205 -7.07 1.11 10.79
CA ARG B 205 -7.56 2.08 9.80
C ARG B 205 -8.94 2.68 10.10
N PRO B 206 -9.14 3.96 9.74
CA PRO B 206 -8.22 4.90 9.07
C PRO B 206 -6.91 5.18 9.84
N PHE B 207 -5.80 5.18 9.12
CA PHE B 207 -4.45 5.39 9.66
C PHE B 207 -3.84 6.71 9.13
N LEU B 208 -3.73 7.70 10.03
CA LEU B 208 -3.20 9.01 9.68
C LEU B 208 -1.79 9.14 10.19
N ALA B 209 -0.88 9.56 9.30
CA ALA B 209 0.50 9.77 9.68
C ALA B 209 0.71 11.26 9.66
N ILE B 210 1.26 11.80 10.73
CA ILE B 210 1.53 13.22 10.78
C ILE B 210 3.03 13.35 10.89
N LEU B 211 3.67 13.77 9.81
CA LEU B 211 5.12 13.92 9.78
C LEU B 211 5.60 15.36 9.77
N GLY B 212 6.41 15.71 10.77
CA GLY B 212 6.95 17.05 10.87
C GLY B 212 8.45 16.99 10.64
N GLY B 213 9.21 17.84 11.31
CA GLY B 213 10.64 17.80 11.09
C GLY B 213 11.08 18.94 10.21
N ALA B 214 12.30 19.41 10.41
CA ALA B 214 12.82 20.54 9.65
C ALA B 214 13.22 20.24 8.20
N LYS B 215 13.82 19.09 7.95
CA LYS B 215 14.25 18.76 6.58
C LYS B 215 13.54 17.57 5.92
N VAL B 216 13.56 17.57 4.59
CA VAL B 216 12.95 16.51 3.80
C VAL B 216 13.97 15.40 3.59
N LYS B 217 15.21 15.80 3.35
CA LYS B 217 16.34 14.92 3.10
C LYS B 217 16.43 13.68 3.97
N ASP B 218 16.31 13.83 5.28
CA ASP B 218 16.40 12.68 6.16
C ASP B 218 15.05 12.18 6.65
N LYS B 219 14.04 12.34 5.80
CA LYS B 219 12.67 11.90 6.11
C LYS B 219 12.10 11.15 4.90
N ILE B 220 12.96 10.89 3.93
CA ILE B 220 12.55 10.20 2.72
C ILE B 220 12.22 8.75 2.99
N GLN B 221 13.07 8.07 3.76
CA GLN B 221 12.78 6.68 4.08
C GLN B 221 11.56 6.59 5.00
N LEU B 222 11.39 7.59 5.86
CA LEU B 222 10.25 7.60 6.77
C LEU B 222 8.96 7.77 5.99
N ILE B 223 8.91 8.84 5.20
CA ILE B 223 7.76 9.14 4.39
C ILE B 223 7.39 7.97 3.48
N LYS B 224 8.38 7.42 2.79
CA LYS B 224 8.11 6.31 1.88
C LYS B 224 7.55 5.07 2.56
N ASN B 225 8.13 4.65 3.68
CA ASN B 225 7.66 3.46 4.38
C ASN B 225 6.23 3.68 4.87
N MET B 226 5.95 4.90 5.28
CA MET B 226 4.61 5.26 5.75
C MET B 226 3.62 5.26 4.58
N LEU B 227 4.01 5.88 3.47
CA LEU B 227 3.13 5.96 2.30
C LEU B 227 2.64 4.60 1.82
N ASP B 228 3.18 3.54 2.39
CA ASP B 228 2.75 2.20 2.00
C ASP B 228 1.70 1.68 2.96
N LYS B 229 1.70 2.20 4.18
CA LYS B 229 0.76 1.74 5.19
C LYS B 229 -0.37 2.69 5.56
N VAL B 230 -0.21 3.98 5.29
CA VAL B 230 -1.24 4.96 5.68
C VAL B 230 -2.34 5.28 4.66
N ASN B 231 -3.42 5.83 5.19
CA ASN B 231 -4.59 6.23 4.41
C ASN B 231 -4.46 7.74 4.17
N PHE B 232 -4.12 8.45 5.24
CA PHE B 232 -3.96 9.89 5.18
C PHE B 232 -2.54 10.27 5.63
N MET B 233 -2.05 11.41 5.16
CA MET B 233 -0.74 11.88 5.59
C MET B 233 -0.73 13.39 5.60
N ILE B 234 -0.17 13.94 6.66
CA ILE B 234 -0.04 15.39 6.83
C ILE B 234 1.43 15.72 7.01
N ILE B 235 1.98 16.54 6.12
CA ILE B 235 3.37 16.94 6.24
C ILE B 235 3.39 18.42 6.58
N GLY B 236 3.93 18.74 7.74
CA GLY B 236 4.00 20.13 8.17
C GLY B 236 5.43 20.42 8.57
N GLY B 237 5.63 21.41 9.42
CA GLY B 237 6.99 21.70 9.84
C GLY B 237 7.74 22.33 8.70
N GLY B 238 9.02 22.59 8.93
CA GLY B 238 9.85 23.23 7.93
C GLY B 238 9.96 22.54 6.60
N MET B 239 9.72 21.24 6.58
CA MET B 239 9.85 20.51 5.32
C MET B 239 8.71 20.78 4.35
N ALA B 240 7.58 21.23 4.87
CA ALA B 240 6.44 21.51 4.01
C ALA B 240 6.77 22.58 2.98
N TYR B 241 7.64 23.51 3.35
CA TYR B 241 7.99 24.59 2.43
C TYR B 241 8.65 24.11 1.15
N THR B 242 9.40 23.01 1.23
CA THR B 242 10.07 22.44 0.06
C THR B 242 9.04 21.79 -0.89
N PHE B 243 8.03 21.15 -0.32
CA PHE B 243 6.98 20.52 -1.12
C PHE B 243 6.11 21.59 -1.76
N LEU B 244 5.68 22.56 -0.95
CA LEU B 244 4.84 23.65 -1.41
C LEU B 244 5.48 24.44 -2.54
N LYS B 245 6.78 24.65 -2.45
CA LYS B 245 7.49 25.40 -3.47
C LYS B 245 7.48 24.68 -4.82
N GLU B 246 7.73 23.38 -4.79
CA GLU B 246 7.76 22.58 -6.01
C GLU B 246 6.34 22.37 -6.53
N LEU B 247 5.53 21.65 -5.77
CA LEU B 247 4.15 21.37 -6.17
C LEU B 247 3.35 22.66 -6.41
N LYS B 248 2.73 23.17 -5.35
CA LYS B 248 1.92 24.38 -5.44
C LYS B 248 2.65 25.64 -5.91
N ASN B 249 3.93 25.51 -6.28
CA ASN B 249 4.71 26.66 -6.75
C ASN B 249 4.50 27.93 -5.89
N MET B 250 4.79 27.81 -4.59
CA MET B 250 4.63 28.91 -3.67
C MET B 250 5.92 29.71 -3.55
N GLN B 251 5.79 30.98 -3.22
CA GLN B 251 6.94 31.84 -3.01
C GLN B 251 7.17 31.61 -1.51
N ILE B 252 8.24 30.93 -1.13
CA ILE B 252 8.44 30.65 0.29
C ILE B 252 9.35 31.59 1.06
N GLY B 253 9.85 32.62 0.38
CA GLY B 253 10.73 33.59 1.02
C GLY B 253 12.05 33.03 1.51
N ALA B 254 12.33 33.25 2.79
CA ALA B 254 13.57 32.77 3.40
C ALA B 254 13.27 31.59 4.29
N SER B 255 12.25 30.81 3.93
CA SER B 255 11.88 29.64 4.71
C SER B 255 12.85 28.50 4.40
N LEU B 256 12.82 27.45 5.21
CA LEU B 256 13.69 26.32 4.99
C LEU B 256 13.49 25.67 3.62
N PHE B 257 14.56 25.49 2.88
CA PHE B 257 14.48 24.83 1.59
C PHE B 257 15.61 23.80 1.52
N ASP B 258 15.27 22.62 1.02
CA ASP B 258 16.22 21.52 0.87
C ASP B 258 16.41 21.22 -0.60
N GLU B 259 17.49 21.72 -1.18
CA GLU B 259 17.77 21.51 -2.60
C GLU B 259 17.78 20.05 -3.01
N GLU B 260 18.37 19.20 -2.16
CA GLU B 260 18.47 17.76 -2.43
C GLU B 260 17.14 17.04 -2.29
N GLY B 261 16.41 17.35 -1.22
CA GLY B 261 15.12 16.70 -1.00
C GLY B 261 14.11 17.01 -2.07
N ALA B 262 14.21 18.21 -2.63
CA ALA B 262 13.31 18.71 -3.67
C ALA B 262 13.39 17.83 -4.92
N THR B 263 14.30 16.87 -4.89
CA THR B 263 14.51 15.95 -6.00
C THR B 263 13.62 14.73 -5.82
N ILE B 264 13.47 14.32 -4.56
CA ILE B 264 12.66 13.18 -4.21
C ILE B 264 11.18 13.57 -4.15
N VAL B 265 10.92 14.85 -3.98
CA VAL B 265 9.54 15.32 -3.89
C VAL B 265 8.70 14.76 -5.03
N LYS B 266 9.26 14.83 -6.23
CA LYS B 266 8.58 14.36 -7.43
C LYS B 266 8.23 12.88 -7.34
N GLU B 267 9.12 12.07 -6.76
CA GLU B 267 8.81 10.65 -6.67
C GLU B 267 8.00 10.31 -5.42
N ILE B 268 8.16 11.12 -4.37
CA ILE B 268 7.41 10.89 -3.15
C ILE B 268 5.92 11.02 -3.46
N MET B 269 5.59 11.99 -4.30
CA MET B 269 4.20 12.19 -4.69
C MET B 269 3.71 11.10 -5.64
N GLU B 270 4.61 10.54 -6.44
CA GLU B 270 4.20 9.48 -7.36
C GLU B 270 3.80 8.25 -6.57
N LYS B 271 4.49 8.01 -5.47
CA LYS B 271 4.21 6.87 -4.63
C LYS B 271 2.91 7.10 -3.85
N ALA B 272 2.71 8.35 -3.41
CA ALA B 272 1.51 8.70 -2.65
C ALA B 272 0.25 8.56 -3.50
N GLU B 273 0.40 8.67 -4.82
CA GLU B 273 -0.73 8.51 -5.71
C GLU B 273 -0.83 7.04 -6.04
N LYS B 274 0.31 6.41 -6.26
CA LYS B 274 0.37 5.00 -6.60
C LYS B 274 -0.21 4.18 -5.44
N ASN B 275 -0.33 4.80 -4.27
CA ASN B 275 -0.87 4.14 -3.09
C ASN B 275 -2.21 4.70 -2.62
N GLY B 276 -2.75 5.65 -3.36
CA GLY B 276 -4.03 6.24 -2.99
C GLY B 276 -4.01 7.02 -1.68
N VAL B 277 -3.11 8.00 -1.60
CA VAL B 277 -2.97 8.85 -0.42
C VAL B 277 -2.95 10.32 -0.84
N LYS B 278 -3.77 11.13 -0.17
CA LYS B 278 -3.81 12.56 -0.49
C LYS B 278 -2.96 13.32 0.53
N ILE B 279 -1.66 13.34 0.33
CA ILE B 279 -0.79 14.03 1.26
C ILE B 279 -1.30 15.44 1.49
N VAL B 280 -1.42 15.82 2.75
CA VAL B 280 -1.91 17.14 3.12
C VAL B 280 -0.78 18.02 3.66
N PHE B 281 -0.74 19.26 3.19
CA PHE B 281 0.27 20.23 3.61
C PHE B 281 -0.45 21.44 4.20
N PRO B 282 0.26 22.29 4.97
CA PRO B 282 -0.48 23.43 5.50
C PRO B 282 -0.88 24.38 4.37
N VAL B 283 -1.73 25.35 4.65
CA VAL B 283 -2.15 26.28 3.60
C VAL B 283 -1.87 27.72 3.99
N ASP B 284 -1.86 28.01 5.29
CA ASP B 284 -1.56 29.37 5.74
C ASP B 284 -0.46 29.29 6.78
N PHE B 285 0.22 30.41 7.04
CA PHE B 285 1.33 30.37 7.97
C PHE B 285 1.53 31.56 8.90
N VAL B 286 2.38 31.36 9.92
CA VAL B 286 2.74 32.40 10.89
C VAL B 286 4.24 32.58 10.70
N THR B 287 4.62 33.74 10.17
CA THR B 287 6.01 34.00 9.87
C THR B 287 6.83 34.83 10.86
N GLY B 288 8.16 34.74 10.72
CA GLY B 288 9.09 35.48 11.54
C GLY B 288 10.03 36.18 10.57
N ASP B 289 10.57 37.34 10.93
CA ASP B 289 11.48 38.02 10.02
C ASP B 289 12.92 37.61 10.35
N LYS B 290 13.03 36.63 11.24
CA LYS B 290 14.33 36.10 11.65
C LYS B 290 14.09 34.85 12.52
N PHE B 291 14.96 33.85 12.35
CA PHE B 291 14.84 32.60 13.11
C PHE B 291 15.24 32.88 14.56
N ASP B 292 14.28 33.37 15.33
CA ASP B 292 14.53 33.69 16.72
C ASP B 292 13.20 33.82 17.45
N GLU B 293 13.22 33.44 18.73
CA GLU B 293 12.04 33.49 19.58
C GLU B 293 11.35 34.85 19.52
N ASN B 294 12.08 35.88 19.93
CA ASN B 294 11.56 37.23 19.95
C ASN B 294 11.84 37.95 18.64
N ALA B 295 11.34 37.38 17.56
CA ALA B 295 11.48 37.97 16.23
C ALA B 295 10.24 38.81 16.08
N LYS B 296 9.92 39.19 14.85
CA LYS B 296 8.71 39.97 14.57
C LYS B 296 7.76 38.99 13.90
N VAL B 297 6.48 39.07 14.23
CA VAL B 297 5.52 38.14 13.64
C VAL B 297 4.62 38.72 12.56
N GLY B 298 4.18 37.86 11.66
CA GLY B 298 3.33 38.27 10.56
C GLY B 298 2.66 37.03 9.99
N GLN B 299 1.66 37.21 9.12
CA GLN B 299 0.94 36.08 8.54
C GLN B 299 1.22 35.89 7.04
N ALA B 300 0.59 34.89 6.45
CA ALA B 300 0.76 34.59 5.05
C ALA B 300 -0.05 33.36 4.65
N THR B 301 -0.30 33.22 3.34
CA THR B 301 -1.03 32.09 2.79
C THR B 301 -0.24 31.73 1.55
N ILE B 302 -0.54 30.59 0.95
CA ILE B 302 0.21 30.18 -0.24
C ILE B 302 0.13 31.17 -1.41
N GLU B 303 -1.07 31.66 -1.71
CA GLU B 303 -1.25 32.61 -2.81
C GLU B 303 -0.46 33.90 -2.64
N SER B 304 -0.22 34.28 -1.39
CA SER B 304 0.50 35.51 -1.09
C SER B 304 2.00 35.30 -1.02
N GLY B 305 2.41 34.04 -0.86
CA GLY B 305 3.83 33.73 -0.75
C GLY B 305 4.36 34.31 0.55
N ILE B 306 5.59 33.96 0.91
CA ILE B 306 6.18 34.49 2.13
C ILE B 306 7.19 35.55 1.68
N PRO B 307 7.02 36.80 2.13
CA PRO B 307 7.97 37.84 1.72
C PRO B 307 9.42 37.50 2.09
N SER B 308 10.35 37.89 1.21
CA SER B 308 11.78 37.64 1.42
C SER B 308 12.28 38.13 2.75
N GLY B 309 13.22 37.38 3.32
CA GLY B 309 13.80 37.72 4.61
C GLY B 309 12.96 37.10 5.71
N TRP B 310 11.71 36.79 5.38
CA TRP B 310 10.82 36.20 6.35
C TRP B 310 10.77 34.69 6.15
N MET B 311 10.31 34.00 7.19
CA MET B 311 10.20 32.56 7.15
C MET B 311 9.03 32.05 7.98
N GLY B 312 8.27 31.14 7.40
CA GLY B 312 7.12 30.58 8.11
C GLY B 312 7.66 29.70 9.21
N LEU B 313 6.99 29.67 10.34
CA LEU B 313 7.50 28.86 11.44
C LEU B 313 6.42 28.02 12.08
N ASP B 314 5.19 28.27 11.67
CA ASP B 314 4.06 27.54 12.20
C ASP B 314 2.97 27.58 11.14
N CYS B 315 2.01 26.67 11.20
CA CYS B 315 0.90 26.71 10.25
C CYS B 315 -0.05 27.74 10.84
N GLY B 316 -1.08 28.13 10.10
CA GLY B 316 -1.98 29.13 10.64
C GLY B 316 -3.39 28.67 10.91
N PRO B 317 -4.26 29.60 11.32
CA PRO B 317 -5.66 29.30 11.62
C PRO B 317 -6.35 28.34 10.63
N GLU B 318 -6.34 28.68 9.36
CA GLU B 318 -6.98 27.83 8.37
C GLU B 318 -6.36 26.44 8.32
N SER B 319 -5.06 26.37 8.57
CA SER B 319 -4.35 25.09 8.53
C SER B 319 -4.76 24.22 9.71
N ILE B 320 -4.91 24.85 10.86
CA ILE B 320 -5.32 24.16 12.07
C ILE B 320 -6.69 23.51 11.85
N LYS B 321 -7.63 24.28 11.32
CA LYS B 321 -8.97 23.76 11.07
C LYS B 321 -8.93 22.51 10.20
N ILE B 322 -8.15 22.55 9.12
CA ILE B 322 -8.08 21.39 8.27
C ILE B 322 -7.46 20.20 9.01
N ASN B 323 -6.58 20.49 9.96
CA ASN B 323 -5.93 19.44 10.76
C ASN B 323 -6.98 18.69 11.59
N ALA B 324 -7.64 19.43 12.47
CA ALA B 324 -8.66 18.89 13.37
C ALA B 324 -9.62 17.96 12.67
N GLN B 325 -10.06 18.38 11.49
CA GLN B 325 -10.99 17.62 10.68
C GLN B 325 -10.47 16.24 10.32
N ILE B 326 -9.30 16.21 9.68
CA ILE B 326 -8.71 14.94 9.26
C ILE B 326 -8.37 14.05 10.48
N VAL B 327 -7.92 14.69 11.55
CA VAL B 327 -7.58 13.94 12.75
C VAL B 327 -8.78 13.16 13.27
N ALA B 328 -9.94 13.82 13.31
CA ALA B 328 -11.18 13.21 13.81
C ALA B 328 -11.70 12.05 12.96
N GLN B 329 -11.14 11.87 11.77
CA GLN B 329 -11.57 10.79 10.89
C GLN B 329 -10.65 9.58 11.09
N ALA B 330 -9.66 9.72 11.97
CA ALA B 330 -8.69 8.68 12.22
C ALA B 330 -8.93 7.71 13.39
N LYS B 331 -8.23 6.57 13.31
CA LYS B 331 -8.31 5.53 14.32
C LYS B 331 -6.90 5.19 14.83
N LEU B 332 -5.88 5.50 14.04
CA LEU B 332 -4.50 5.25 14.41
C LEU B 332 -3.66 6.42 13.92
N ILE B 333 -3.15 7.23 14.84
CA ILE B 333 -2.32 8.35 14.45
C ILE B 333 -0.91 8.16 14.95
N VAL B 334 0.05 8.35 14.05
CA VAL B 334 1.44 8.22 14.42
C VAL B 334 2.00 9.59 14.12
N TRP B 335 2.31 10.33 15.19
CA TRP B 335 2.80 11.68 15.05
C TRP B 335 4.26 11.81 15.48
N ASN B 336 5.12 12.05 14.49
CA ASN B 336 6.53 12.19 14.74
C ASN B 336 6.98 13.44 14.00
N GLY B 337 7.83 14.26 14.61
CA GLY B 337 8.28 15.46 13.93
C GLY B 337 7.39 16.65 14.19
N PRO B 338 7.96 17.77 14.67
CA PRO B 338 7.17 18.98 14.96
C PRO B 338 6.55 19.60 13.73
N ILE B 339 5.41 20.24 13.93
CA ILE B 339 4.68 20.88 12.87
C ILE B 339 5.02 22.36 12.84
N GLY B 340 5.53 22.86 13.97
CA GLY B 340 5.91 24.26 14.09
C GLY B 340 6.98 24.41 15.16
N VAL B 341 7.62 25.57 15.22
CA VAL B 341 8.67 25.77 16.22
C VAL B 341 8.04 26.03 17.58
N PHE B 342 7.31 25.03 18.09
CA PHE B 342 6.61 25.15 19.37
C PHE B 342 7.49 25.55 20.54
N GLU B 343 8.80 25.53 20.32
CA GLU B 343 9.75 25.92 21.37
C GLU B 343 9.50 27.37 21.78
N TRP B 344 9.09 28.20 20.83
CA TRP B 344 8.83 29.61 21.10
C TRP B 344 7.32 29.86 21.11
N ASP B 345 6.87 30.72 22.01
CA ASP B 345 5.44 31.01 22.12
C ASP B 345 4.76 31.43 20.82
N ALA B 346 5.29 32.46 20.17
CA ALA B 346 4.70 32.99 18.94
C ALA B 346 4.41 31.96 17.85
N PHE B 347 5.10 30.82 17.88
CA PHE B 347 4.89 29.82 16.84
C PHE B 347 4.51 28.43 17.34
N ALA B 348 3.92 28.36 18.53
CA ALA B 348 3.51 27.08 19.11
C ALA B 348 2.02 26.82 18.98
N LYS B 349 1.29 27.80 18.45
CA LYS B 349 -0.16 27.68 18.31
C LYS B 349 -0.59 26.45 17.57
N GLY B 350 -0.04 26.27 16.36
CA GLY B 350 -0.38 25.12 15.55
C GLY B 350 -0.17 23.78 16.23
N THR B 351 0.98 23.61 16.86
CA THR B 351 1.30 22.34 17.54
C THR B 351 0.35 22.09 18.71
N LYS B 352 0.20 23.08 19.59
CA LYS B 352 -0.70 22.92 20.74
C LYS B 352 -2.12 22.57 20.28
N ALA B 353 -2.58 23.16 19.17
CA ALA B 353 -3.92 22.90 18.64
C ALA B 353 -4.07 21.46 18.12
N LEU B 354 -3.04 20.98 17.41
CA LEU B 354 -3.06 19.63 16.88
C LEU B 354 -3.06 18.66 18.03
N MET B 355 -2.15 18.91 18.97
CA MET B 355 -2.03 18.07 20.15
C MET B 355 -3.40 17.83 20.80
N ASP B 356 -4.18 18.91 20.94
CA ASP B 356 -5.52 18.83 21.52
C ASP B 356 -6.38 17.86 20.71
N GLU B 357 -6.49 18.12 19.42
CA GLU B 357 -7.28 17.28 18.51
C GLU B 357 -6.89 15.80 18.60
N VAL B 358 -5.62 15.56 18.93
CA VAL B 358 -5.09 14.20 19.05
C VAL B 358 -5.51 13.56 20.38
N VAL B 359 -5.53 14.38 21.43
CA VAL B 359 -5.94 13.91 22.76
C VAL B 359 -7.45 13.58 22.73
N LYS B 360 -8.21 14.53 22.19
CA LYS B 360 -9.65 14.40 22.04
C LYS B 360 -9.96 13.18 21.17
N ALA B 361 -9.04 12.85 20.26
CA ALA B 361 -9.25 11.71 19.41
C ALA B 361 -8.94 10.42 20.19
N THR B 362 -8.01 10.51 21.15
CA THR B 362 -7.65 9.35 21.95
C THR B 362 -8.87 8.94 22.75
N SER B 363 -9.54 9.94 23.30
CA SER B 363 -10.75 9.71 24.09
C SER B 363 -11.81 9.00 23.26
N ASN B 364 -11.81 9.25 21.95
CA ASN B 364 -12.80 8.63 21.07
C ASN B 364 -12.39 7.32 20.43
N GLY B 365 -11.64 6.51 21.18
CA GLY B 365 -11.23 5.21 20.68
C GLY B 365 -10.08 5.18 19.68
N CYS B 366 -9.44 6.33 19.47
CA CYS B 366 -8.33 6.35 18.54
C CYS B 366 -7.02 6.06 19.26
N VAL B 367 -6.24 5.12 18.73
CA VAL B 367 -4.93 4.82 19.28
C VAL B 367 -4.05 5.93 18.72
N THR B 368 -3.27 6.58 19.57
CA THR B 368 -2.43 7.67 19.13
C THR B 368 -1.01 7.55 19.62
N ILE B 369 -0.07 7.52 18.68
CA ILE B 369 1.34 7.39 19.01
C ILE B 369 2.08 8.66 18.67
N ILE B 370 2.71 9.25 19.68
CA ILE B 370 3.48 10.48 19.52
C ILE B 370 4.95 10.19 19.75
N GLY B 371 5.78 10.49 18.75
CA GLY B 371 7.21 10.22 18.85
C GLY B 371 8.06 11.35 19.38
N LYS B 387 -1.78 12.25 27.60
CA LYS B 387 -3.18 11.75 27.54
C LYS B 387 -3.51 11.13 26.18
N VAL B 388 -2.49 10.51 25.57
CA VAL B 388 -2.61 9.84 24.28
C VAL B 388 -2.25 8.38 24.52
N SER B 389 -2.42 7.54 23.53
CA SER B 389 -2.13 6.12 23.72
C SER B 389 -0.72 5.82 24.18
N HIS B 390 0.26 6.29 23.40
CA HIS B 390 1.67 6.06 23.72
C HIS B 390 2.54 7.25 23.34
N VAL B 391 3.53 7.55 24.18
CA VAL B 391 4.47 8.64 23.93
C VAL B 391 5.87 8.08 23.91
N SER B 392 6.45 7.98 22.72
CA SER B 392 7.80 7.43 22.57
C SER B 392 8.86 8.18 23.38
N THR B 393 9.72 7.41 24.03
CA THR B 393 10.79 7.95 24.85
C THR B 393 12.11 7.96 24.09
N GLY B 394 12.10 7.60 22.82
CA GLY B 394 13.35 7.58 22.09
C GLY B 394 13.28 7.99 20.64
N GLY B 395 13.53 9.28 20.39
CA GLY B 395 13.49 9.79 19.04
C GLY B 395 14.14 8.90 17.99
N GLY B 396 15.47 8.90 17.94
CA GLY B 396 16.20 8.11 16.96
C GLY B 396 15.69 6.70 16.72
N ALA B 397 15.68 5.88 17.77
CA ALA B 397 15.20 4.51 17.64
C ALA B 397 13.79 4.45 17.09
N SER B 398 12.87 5.23 17.65
CA SER B 398 11.49 5.19 17.17
C SER B 398 11.40 5.54 15.68
N LEU B 399 12.11 6.58 15.26
CA LEU B 399 12.11 7.01 13.86
C LEU B 399 12.61 5.90 12.94
N GLU B 400 13.66 5.20 13.36
CA GLU B 400 14.20 4.12 12.55
C GLU B 400 13.24 2.93 12.44
N LEU B 401 12.39 2.72 13.44
CA LEU B 401 11.41 1.62 13.37
C LEU B 401 10.41 1.98 12.28
N LEU B 402 9.87 3.19 12.37
CA LEU B 402 8.90 3.69 11.41
C LEU B 402 9.45 3.57 9.99
N GLU B 403 10.77 3.71 9.86
CA GLU B 403 11.40 3.61 8.54
C GLU B 403 11.52 2.17 8.06
N GLY B 404 11.38 1.21 8.96
CA GLY B 404 11.47 -0.18 8.58
C GLY B 404 12.84 -0.80 8.76
N LYS B 405 13.69 -0.16 9.55
CA LYS B 405 15.05 -0.66 9.82
C LYS B 405 15.08 -1.55 11.05
N ILE B 406 16.00 -2.52 11.07
CA ILE B 406 16.12 -3.39 12.24
C ILE B 406 16.97 -2.67 13.28
N LEU B 407 16.50 -2.69 14.52
CA LEU B 407 17.24 -2.04 15.61
C LEU B 407 18.15 -3.07 16.26
N PRO B 408 19.46 -2.84 16.20
CA PRO B 408 20.43 -3.77 16.80
C PRO B 408 20.16 -4.16 18.25
N GLY B 409 19.63 -3.24 19.04
CA GLY B 409 19.35 -3.54 20.43
C GLY B 409 18.22 -4.54 20.62
N VAL B 410 17.29 -4.56 19.67
CA VAL B 410 16.17 -5.48 19.75
C VAL B 410 16.62 -6.82 19.19
N GLU B 411 17.45 -6.80 18.16
CA GLU B 411 17.92 -8.05 17.59
C GLU B 411 18.78 -8.81 18.57
N ALA B 412 19.51 -8.09 19.41
CA ALA B 412 20.38 -8.72 20.39
C ALA B 412 19.61 -9.41 21.52
N LEU B 413 18.28 -9.40 21.44
CA LEU B 413 17.46 -10.03 22.49
C LEU B 413 17.18 -11.52 22.23
N SER B 414 17.06 -12.28 23.31
CA SER B 414 16.79 -13.72 23.21
C SER B 414 15.40 -13.87 22.61
N ASN B 415 15.24 -14.84 21.72
CA ASN B 415 13.95 -15.06 21.08
C ASN B 415 12.99 -15.68 22.07
N MET B 416 11.78 -15.12 22.16
CA MET B 416 10.76 -15.63 23.07
C MET B 416 10.53 -17.12 22.85
PG ATP C . -11.88 -8.88 -28.68
O1G ATP C . -10.63 -9.57 -29.07
O2G ATP C . -13.01 -9.91 -28.16
O3G ATP C . -11.67 -7.83 -27.48
PB ATP C . -12.58 -8.58 -31.42
O1B ATP C . -11.67 -9.74 -31.54
O2B ATP C . -12.35 -7.41 -32.30
O3B ATP C . -12.55 -8.05 -29.89
PA ATP C . -14.96 -8.79 -32.93
O1A ATP C . -16.39 -8.97 -32.60
O2A ATP C . -14.53 -7.51 -33.52
O3A ATP C . -14.10 -9.08 -31.59
O5' ATP C . -14.50 -9.99 -33.90
C5' ATP C . -13.94 -11.20 -33.35
C4' ATP C . -13.60 -12.15 -34.50
O4' ATP C . -12.70 -11.57 -35.45
C3' ATP C . -12.85 -13.42 -34.06
O3' ATP C . -13.81 -14.40 -33.66
C2' ATP C . -12.16 -13.84 -35.36
O2' ATP C . -12.75 -15.05 -35.84
C1' ATP C . -12.51 -12.70 -36.32
N9 ATP C . -11.42 -12.45 -37.30
C8 ATP C . -10.17 -12.09 -37.02
N7 ATP C . -9.48 -11.94 -38.14
C5 ATP C . -10.30 -12.20 -39.16
C6 ATP C . -10.15 -12.21 -40.54
N6 ATP C . -8.97 -11.90 -41.09
N1 ATP C . -11.21 -12.50 -41.30
C2 ATP C . -12.37 -12.81 -40.76
N3 ATP C . -12.55 -12.82 -39.45
C4 ATP C . -11.53 -12.53 -38.63
C1 3PG D . 20.89 10.27 23.24
O1 3PG D . 22.02 9.98 23.70
O2 3PG D . 20.56 11.35 22.73
C2 3PG D . 19.81 9.18 23.32
O3 3PG D . 19.89 8.51 24.58
C3 3PG D . 20.01 8.18 22.17
O1P 3PG D . 21.33 7.63 22.15
P 3PG D . 22.45 8.20 21.14
O2P 3PG D . 22.17 9.59 20.68
O3P 3PG D . 22.48 7.15 19.91
O4P 3PG D . 23.86 8.06 21.88
#